data_6SC4
#
_entry.id   6SC4
#
_cell.length_a   362.640
_cell.length_b   362.640
_cell.length_c   362.640
_cell.angle_alpha   90.000
_cell.angle_beta   90.000
_cell.angle_gamma   90.000
#
_symmetry.space_group_name_H-M   'F 4 3 2'
#
loop_
_entity.id
_entity.type
_entity.pdbx_description
1 polymer 'Uncharacterized protein'
2 non-polymer 'ZINC ION'
3 non-polymer 'SULFATE ION'
4 non-polymer 'SODIUM ION'
5 non-polymer 'ACETATE ION'
6 non-polymer 'CADMIUM ION'
7 non-polymer 2-AMINO-2-HYDROXYMETHYL-PROPANE-1,3-DIOL
8 water water
#
_entity_poly.entity_id   1
_entity_poly.type   'polypeptide(L)'
_entity_poly.pdbx_seq_one_letter_code
;MHHHHHHMRMIQKFEGKKPEIHETAFVHPRATIIGDVEIGPKTSVWPGAVIRADIEKITIGKNTCIKDNAVIHPADVYHE
EEIEYVPVKIGDNNIIGHRALIHGAKINDESIVGAGSIVFNKAEVKTNSMVGMGAVVLEKQEVPNGKIVVGIPARVLREL
EEREIKQIKKQADTHAELAEHYSREIEEP
;
_entity_poly.pdbx_strand_id   A,B,C,D,E
#
# COMPACT_ATOMS: atom_id res chain seq x y z
N ARG A 9 10.28 14.25 0.97
CA ARG A 9 9.76 14.47 -0.42
C ARG A 9 8.32 15.01 -0.45
N MET A 10 7.52 14.67 0.57
CA MET A 10 6.18 15.24 0.73
C MET A 10 5.95 15.74 2.17
N ILE A 11 6.57 16.87 2.46
CA ILE A 11 6.23 17.72 3.61
C ILE A 11 5.53 18.93 2.97
N GLN A 12 4.23 19.07 3.21
CA GLN A 12 3.37 20.00 2.47
C GLN A 12 2.76 21.07 3.39
N LYS A 13 2.76 22.32 2.92
CA LYS A 13 2.02 23.41 3.58
C LYS A 13 0.52 23.21 3.43
N PHE A 14 -0.24 23.81 4.36
CA PHE A 14 -1.68 24.01 4.15
C PHE A 14 -2.19 25.22 4.92
N GLU A 15 -2.63 26.25 4.17
CA GLU A 15 -3.14 27.51 4.72
C GLU A 15 -2.09 28.24 5.55
N GLY A 16 -0.87 28.30 5.03
CA GLY A 16 0.26 28.91 5.73
C GLY A 16 0.97 28.05 6.76
N LYS A 17 0.27 27.05 7.33
CA LYS A 17 0.83 26.18 8.36
C LYS A 17 1.77 25.15 7.75
N LYS A 18 2.99 25.09 8.28
CA LYS A 18 4.03 24.18 7.81
C LYS A 18 4.34 23.15 8.90
N PRO A 19 4.55 21.88 8.54
CA PRO A 19 4.96 20.90 9.55
C PRO A 19 6.25 21.31 10.28
N GLU A 20 6.17 21.35 11.61
CA GLU A 20 7.32 21.62 12.49
C GLU A 20 7.89 20.26 12.93
N ILE A 21 8.90 19.78 12.19
CA ILE A 21 9.49 18.47 12.43
C ILE A 21 10.88 18.64 13.04
N HIS A 22 11.10 18.05 14.22
CA HIS A 22 12.40 18.13 14.91
C HIS A 22 13.51 17.50 14.06
N GLU A 23 14.71 18.05 14.17
CA GLU A 23 15.86 17.64 13.34
C GLU A 23 16.31 16.18 13.51
N THR A 24 16.08 15.60 14.69
CA THR A 24 16.40 14.20 14.97
C THR A 24 15.31 13.22 14.57
N ALA A 25 14.12 13.73 14.25
CA ALA A 25 13.02 12.91 13.75
C ALA A 25 13.34 12.46 12.33
N PHE A 26 12.83 11.28 11.97
CA PHE A 26 12.98 10.73 10.62
C PHE A 26 11.63 10.58 9.94
N VAL A 27 11.48 11.21 8.77
CA VAL A 27 10.30 11.02 7.94
C VAL A 27 10.76 10.38 6.64
N HIS A 28 10.31 9.14 6.39
CA HIS A 28 10.64 8.44 5.15
C HIS A 28 10.05 9.23 3.98
N PRO A 29 10.77 9.32 2.85
CA PRO A 29 10.26 10.13 1.72
C PRO A 29 8.89 9.69 1.14
N ARG A 30 8.55 8.41 1.30
CA ARG A 30 7.25 7.86 0.90
C ARG A 30 6.10 8.10 1.89
N ALA A 31 6.40 8.72 3.05
CA ALA A 31 5.36 9.21 3.96
C ALA A 31 4.86 10.58 3.51
N THR A 32 3.70 10.98 4.01
CA THR A 32 3.07 12.25 3.64
C THR A 32 2.69 13.01 4.90
N ILE A 33 3.27 14.21 5.08
CA ILE A 33 2.99 15.07 6.23
C ILE A 33 2.42 16.38 5.68
N ILE A 34 1.26 16.79 6.17
CA ILE A 34 0.57 17.99 5.66
C ILE A 34 0.11 18.88 6.80
N GLY A 35 0.40 20.17 6.69
CA GLY A 35 -0.23 21.20 7.52
C GLY A 35 0.33 21.35 8.92
N ASP A 36 -0.57 21.63 9.86
CA ASP A 36 -0.19 21.97 11.23
C ASP A 36 0.22 20.71 12.01
N VAL A 37 1.37 20.16 11.66
CA VAL A 37 1.92 18.96 12.30
C VAL A 37 3.10 19.37 13.16
N GLU A 38 3.20 18.77 14.34
CA GLU A 38 4.33 18.96 15.25
C GLU A 38 4.86 17.57 15.58
N ILE A 39 6.11 17.30 15.21
CA ILE A 39 6.76 16.00 15.46
C ILE A 39 8.01 16.23 16.29
N GLY A 40 8.13 15.47 17.37
CA GLY A 40 9.20 15.64 18.35
C GLY A 40 10.45 14.83 18.04
N PRO A 41 11.50 14.99 18.86
CA PRO A 41 12.79 14.32 18.63
C PRO A 41 12.73 12.79 18.59
N LYS A 42 13.54 12.21 17.69
CA LYS A 42 13.67 10.76 17.49
C LYS A 42 12.41 10.02 17.03
N THR A 43 11.35 10.75 16.69
CA THR A 43 10.10 10.14 16.23
C THR A 43 10.28 9.76 14.76
N SER A 44 9.75 8.60 14.37
CA SER A 44 9.88 8.11 13.00
C SER A 44 8.53 7.95 12.31
N VAL A 45 8.50 8.27 11.01
CA VAL A 45 7.32 8.11 10.17
C VAL A 45 7.72 7.32 8.93
N TRP A 46 6.99 6.25 8.66
CA TRP A 46 7.41 5.20 7.74
C TRP A 46 6.58 5.21 6.44
N PRO A 47 7.04 4.50 5.39
CA PRO A 47 6.39 4.59 4.06
C PRO A 47 4.87 4.45 4.05
N GLY A 48 4.20 5.31 3.30
CA GLY A 48 2.75 5.26 3.16
C GLY A 48 1.94 5.87 4.30
N ALA A 49 2.59 6.23 5.40
CA ALA A 49 1.93 6.86 6.52
C ALA A 49 1.51 8.26 6.10
N VAL A 50 0.26 8.61 6.40
CA VAL A 50 -0.28 9.93 6.10
C VAL A 50 -0.62 10.63 7.40
N ILE A 51 -0.03 11.81 7.60
CA ILE A 51 -0.28 12.62 8.77
C ILE A 51 -0.79 13.96 8.25
N ARG A 52 -2.11 14.11 8.23
CA ARG A 52 -2.77 15.22 7.54
C ARG A 52 -3.44 16.17 8.52
N ALA A 53 -2.77 17.28 8.83
CA ALA A 53 -3.27 18.27 9.80
C ALA A 53 -3.84 19.50 9.08
N ASP A 54 -4.94 19.28 8.36
CA ASP A 54 -5.59 20.35 7.59
C ASP A 54 -6.76 20.99 8.33
N ILE A 55 -7.63 20.18 8.92
CA ILE A 55 -8.80 20.69 9.65
C ILE A 55 -8.57 20.96 11.14
N GLU A 56 -7.46 20.42 11.68
CA GLU A 56 -6.99 20.75 13.03
C GLU A 56 -5.51 20.33 13.17
N LYS A 57 -4.95 20.53 14.35
CA LYS A 57 -3.54 20.21 14.64
C LYS A 57 -3.34 18.72 14.92
N ILE A 58 -2.15 18.23 14.57
CA ILE A 58 -1.67 16.91 15.00
C ILE A 58 -0.34 17.15 15.73
N THR A 59 -0.29 16.79 17.01
CA THR A 59 0.94 16.87 17.79
C THR A 59 1.42 15.47 18.14
N ILE A 60 2.65 15.15 17.74
CA ILE A 60 3.29 13.88 18.07
C ILE A 60 4.53 14.20 18.89
N GLY A 61 4.72 13.46 19.99
CA GLY A 61 5.83 13.68 20.92
C GLY A 61 7.14 13.07 20.45
N LYS A 62 7.91 12.55 21.39
CA LYS A 62 9.29 12.10 21.13
C LYS A 62 9.42 10.58 21.20
N ASN A 63 10.34 10.03 20.42
CA ASN A 63 10.65 8.59 20.40
C ASN A 63 9.45 7.70 19.97
N THR A 64 8.51 8.28 19.22
CA THR A 64 7.29 7.60 18.79
C THR A 64 7.46 7.11 17.34
N CYS A 65 6.96 5.92 17.05
CA CYS A 65 6.99 5.38 15.68
CA CYS A 65 6.99 5.34 15.71
C CYS A 65 5.58 5.32 15.08
N ILE A 66 5.45 5.90 13.89
CA ILE A 66 4.23 5.86 13.08
C ILE A 66 4.52 4.92 11.92
N LYS A 67 4.16 3.64 12.10
CA LYS A 67 4.55 2.58 11.16
C LYS A 67 3.79 2.67 9.81
N ASP A 68 4.13 1.78 8.87
CA ASP A 68 3.75 1.92 7.44
C ASP A 68 2.24 1.95 7.21
N ASN A 69 1.80 2.79 6.29
CA ASN A 69 0.38 2.96 5.91
C ASN A 69 -0.57 3.38 7.04
N ALA A 70 -0.03 3.84 8.18
CA ALA A 70 -0.86 4.35 9.26
C ALA A 70 -1.42 5.71 8.85
N VAL A 71 -2.62 6.03 9.29
CA VAL A 71 -3.26 7.31 8.94
C VAL A 71 -3.58 8.06 10.22
N ILE A 72 -3.23 9.35 10.24
CA ILE A 72 -3.52 10.22 11.38
C ILE A 72 -4.22 11.44 10.82
N HIS A 73 -5.44 11.69 11.29
CA HIS A 73 -6.29 12.76 10.78
C HIS A 73 -7.13 13.32 11.92
N PRO A 74 -7.23 14.66 12.04
CA PRO A 74 -8.18 15.22 13.00
C PRO A 74 -9.63 14.90 12.64
N ALA A 75 -10.49 14.87 13.66
CA ALA A 75 -11.90 14.52 13.48
C ALA A 75 -12.73 15.74 13.17
N ASP A 76 -13.68 15.58 12.24
CA ASP A 76 -14.76 16.55 12.03
C ASP A 76 -16.02 15.94 12.63
N VAL A 77 -16.58 16.62 13.62
CA VAL A 77 -17.73 16.12 14.39
C VAL A 77 -18.91 17.07 14.20
N TYR A 78 -20.08 16.48 13.94
CA TYR A 78 -21.26 17.24 13.51
C TYR A 78 -22.32 17.31 14.60
N HIS A 79 -22.36 18.46 15.27
CA HIS A 79 -23.39 18.79 16.26
C HIS A 79 -24.58 19.40 15.55
N GLU A 80 -25.67 19.63 16.29
CA GLU A 80 -26.95 20.09 15.71
C GLU A 80 -26.82 21.18 14.64
N GLU A 81 -25.91 22.12 14.87
CA GLU A 81 -25.56 23.14 13.86
C GLU A 81 -24.04 23.36 13.67
N GLU A 82 -23.28 23.46 14.76
CA GLU A 82 -21.83 23.69 14.67
C GLU A 82 -21.06 22.43 14.26
N ILE A 83 -19.96 22.62 13.54
CA ILE A 83 -19.00 21.54 13.24
C ILE A 83 -17.83 21.69 14.21
N GLU A 84 -17.58 20.66 15.01
CA GLU A 84 -16.44 20.62 15.93
C GLU A 84 -15.28 19.91 15.25
N TYR A 85 -14.10 20.53 15.29
CA TYR A 85 -12.87 19.92 14.80
C TYR A 85 -12.00 19.53 16.00
N VAL A 86 -11.58 18.26 16.04
CA VAL A 86 -10.86 17.71 17.19
C VAL A 86 -9.43 17.33 16.78
N PRO A 87 -8.41 17.95 17.41
CA PRO A 87 -7.03 17.63 17.05
C PRO A 87 -6.56 16.27 17.56
N VAL A 88 -5.49 15.74 16.95
CA VAL A 88 -4.84 14.52 17.42
C VAL A 88 -3.67 14.93 18.31
N LYS A 89 -3.49 14.17 19.40
CA LYS A 89 -2.36 14.37 20.30
C LYS A 89 -1.78 13.02 20.69
N ILE A 90 -0.55 12.76 20.22
CA ILE A 90 0.16 11.52 20.50
C ILE A 90 1.41 11.86 21.32
N GLY A 91 1.64 11.09 22.38
CA GLY A 91 2.71 11.38 23.33
C GLY A 91 4.04 10.73 22.97
N ASP A 92 4.82 10.39 24.00
CA ASP A 92 6.19 9.90 23.84
C ASP A 92 6.25 8.37 23.89
N ASN A 93 7.26 7.80 23.24
CA ASN A 93 7.56 6.35 23.31
C ASN A 93 6.43 5.41 22.84
N ASN A 94 5.56 5.89 21.95
CA ASN A 94 4.42 5.09 21.47
C ASN A 94 4.78 4.34 20.19
N ILE A 95 4.12 3.19 20.00
CA ILE A 95 4.12 2.47 18.74
C ILE A 95 2.73 2.60 18.14
N ILE A 96 2.61 3.39 17.08
CA ILE A 96 1.39 3.39 16.24
C ILE A 96 1.65 2.39 15.12
N GLY A 97 0.97 1.25 15.18
CA GLY A 97 1.31 0.07 14.37
C GLY A 97 1.03 0.19 12.89
N HIS A 98 1.47 -0.81 12.13
CA HIS A 98 1.26 -0.85 10.67
C HIS A 98 -0.23 -0.69 10.38
N ARG A 99 -0.58 0.25 9.51
CA ARG A 99 -1.94 0.43 9.01
C ARG A 99 -2.97 0.86 10.09
N ALA A 100 -2.50 1.43 11.19
CA ALA A 100 -3.40 1.91 12.24
C ALA A 100 -4.02 3.23 11.83
N LEU A 101 -5.13 3.59 12.46
CA LEU A 101 -5.78 4.89 12.23
C LEU A 101 -5.97 5.60 13.57
N ILE A 102 -5.41 6.80 13.68
CA ILE A 102 -5.64 7.68 14.81
C ILE A 102 -6.49 8.82 14.26
N HIS A 103 -7.73 8.92 14.74
CA HIS A 103 -8.68 9.88 14.21
C HIS A 103 -9.24 10.76 15.33
N GLY A 104 -8.80 12.01 15.38
CA GLY A 104 -9.19 12.97 16.43
C GLY A 104 -9.09 12.48 17.86
N ALA A 105 -8.15 11.56 18.12
CA ALA A 105 -8.03 10.89 19.41
C ALA A 105 -6.77 11.33 20.14
N LYS A 106 -6.63 10.89 21.38
CA LYS A 106 -5.46 11.18 22.20
C LYS A 106 -4.75 9.89 22.58
N ILE A 107 -3.45 9.82 22.29
CA ILE A 107 -2.58 8.74 22.78
C ILE A 107 -1.61 9.40 23.75
N ASN A 108 -1.42 8.80 24.91
CA ASN A 108 -0.50 9.35 25.93
C ASN A 108 0.89 8.74 25.72
N ASP A 109 1.56 8.25 26.78
CA ASP A 109 2.95 7.81 26.69
C ASP A 109 3.08 6.28 26.77
N GLU A 110 4.13 5.73 26.18
CA GLU A 110 4.48 4.31 26.27
C GLU A 110 3.32 3.33 26.03
N SER A 111 2.55 3.56 24.96
CA SER A 111 1.45 2.67 24.59
C SER A 111 1.65 2.10 23.20
N ILE A 112 1.08 0.92 22.96
CA ILE A 112 1.09 0.30 21.64
C ILE A 112 -0.32 0.36 21.05
N VAL A 113 -0.47 1.04 19.93
CA VAL A 113 -1.68 0.93 19.10
C VAL A 113 -1.36 -0.14 18.06
N GLY A 114 -2.00 -1.29 18.18
CA GLY A 114 -1.69 -2.45 17.36
C GLY A 114 -1.97 -2.28 15.88
N ALA A 115 -1.40 -3.16 15.07
CA ALA A 115 -1.51 -3.05 13.63
C ALA A 115 -2.96 -3.18 13.16
N GLY A 116 -3.34 -2.31 12.22
CA GLY A 116 -4.67 -2.34 11.62
C GLY A 116 -5.82 -1.85 12.48
N SER A 117 -5.54 -1.40 13.70
CA SER A 117 -6.58 -0.98 14.64
C SER A 117 -6.98 0.46 14.39
N ILE A 118 -8.07 0.86 15.04
CA ILE A 118 -8.61 2.22 14.93
C ILE A 118 -8.83 2.78 16.33
N VAL A 119 -8.42 4.01 16.55
CA VAL A 119 -8.69 4.71 17.79
C VAL A 119 -9.47 5.87 17.22
N PHE A 120 -10.74 6.00 17.56
CA PHE A 120 -11.60 7.03 17.00
C PHE A 120 -11.77 8.34 17.70
N ASN A 121 -12.62 9.20 17.17
CA ASN A 121 -12.78 10.53 17.69
C ASN A 121 -13.04 10.62 19.16
N LYS A 122 -12.21 11.40 19.80
CA LYS A 122 -12.28 11.69 21.20
C LYS A 122 -11.93 10.54 22.11
N ALA A 123 -11.39 9.49 21.56
CA ALA A 123 -11.00 8.35 22.34
C ALA A 123 -9.68 8.66 23.02
N GLU A 124 -9.32 7.90 24.03
CA GLU A 124 -8.07 8.11 24.75
C GLU A 124 -7.39 6.78 25.04
N VAL A 125 -6.16 6.63 24.55
CA VAL A 125 -5.32 5.51 24.93
C VAL A 125 -4.41 6.01 26.06
N LYS A 126 -4.62 5.47 27.26
CA LYS A 126 -3.86 5.87 28.44
C LYS A 126 -2.45 5.28 28.40
N THR A 127 -1.58 5.82 29.25
CA THR A 127 -0.18 5.37 29.37
C THR A 127 -0.09 3.86 29.72
N ASN A 128 0.89 3.18 29.14
CA ASN A 128 1.13 1.74 29.37
C ASN A 128 -0.11 0.87 29.10
N SER A 129 -0.70 1.04 27.92
CA SER A 129 -1.81 0.19 27.48
C SER A 129 -1.59 -0.28 26.05
N MET A 130 -2.42 -1.22 25.61
CA MET A 130 -2.38 -1.74 24.24
C MET A 130 -3.77 -1.74 23.61
N VAL A 131 -3.85 -1.25 22.38
CA VAL A 131 -4.99 -1.51 21.50
C VAL A 131 -4.58 -2.70 20.65
N GLY A 132 -5.31 -3.81 20.78
CA GLY A 132 -5.00 -5.03 20.04
C GLY A 132 -5.19 -4.88 18.53
N MET A 133 -4.67 -5.85 17.78
CA MET A 133 -4.68 -5.80 16.31
C MET A 133 -6.08 -5.88 15.75
N GLY A 134 -6.43 -4.94 14.88
CA GLY A 134 -7.74 -4.90 14.24
C GLY A 134 -8.89 -4.46 15.13
N ALA A 135 -8.60 -4.03 16.36
CA ALA A 135 -9.63 -3.57 17.29
C ALA A 135 -10.06 -2.18 16.90
N VAL A 136 -11.26 -1.80 17.34
CA VAL A 136 -11.83 -0.49 17.03
C VAL A 136 -12.24 0.17 18.34
N VAL A 137 -11.47 1.15 18.77
CA VAL A 137 -11.78 1.93 19.97
C VAL A 137 -12.76 3.03 19.56
N LEU A 138 -14.04 2.85 19.89
CA LEU A 138 -15.12 3.77 19.52
C LEU A 138 -14.96 5.12 20.18
N GLU A 139 -15.74 6.09 19.72
CA GLU A 139 -15.61 7.47 20.19
C GLU A 139 -15.83 7.62 21.70
N LYS A 140 -15.07 8.55 22.29
CA LYS A 140 -15.09 8.83 23.73
C LYS A 140 -14.81 7.62 24.64
N GLN A 141 -14.16 6.58 24.10
CA GLN A 141 -13.83 5.39 24.87
C GLN A 141 -12.41 5.55 25.43
N GLU A 142 -12.20 5.09 26.66
CA GLU A 142 -10.88 5.08 27.30
C GLU A 142 -10.32 3.66 27.30
N VAL A 143 -9.11 3.50 26.80
CA VAL A 143 -8.34 2.27 26.98
C VAL A 143 -7.55 2.47 28.28
N PRO A 144 -7.95 1.80 29.38
CA PRO A 144 -7.39 2.15 30.69
C PRO A 144 -5.94 1.73 30.88
N ASN A 145 -5.28 2.40 31.83
CA ASN A 145 -3.86 2.18 32.14
C ASN A 145 -3.62 0.71 32.50
N GLY A 146 -2.55 0.14 31.93
CA GLY A 146 -2.13 -1.22 32.26
C GLY A 146 -2.95 -2.34 31.67
N LYS A 147 -3.75 -2.07 30.62
CA LYS A 147 -4.66 -3.08 30.06
C LYS A 147 -4.63 -3.16 28.53
N ILE A 148 -4.90 -4.35 28.01
CA ILE A 148 -5.10 -4.60 26.58
C ILE A 148 -6.59 -4.52 26.28
N VAL A 149 -6.93 -4.00 25.10
CA VAL A 149 -8.31 -4.05 24.58
C VAL A 149 -8.29 -4.73 23.21
N VAL A 150 -9.34 -5.49 22.91
CA VAL A 150 -9.44 -6.26 21.66
C VAL A 150 -10.84 -6.21 21.06
N GLY A 151 -10.92 -6.58 19.79
CA GLY A 151 -12.21 -6.74 19.10
C GLY A 151 -12.93 -5.46 18.71
N ILE A 152 -14.10 -5.65 18.10
CA ILE A 152 -14.92 -4.57 17.53
C ILE A 152 -16.33 -4.65 18.15
N PRO A 153 -16.73 -3.68 18.99
CA PRO A 153 -15.87 -2.59 19.50
C PRO A 153 -14.86 -3.09 20.52
N ALA A 154 -13.92 -2.22 20.87
CA ALA A 154 -12.84 -2.56 21.79
C ALA A 154 -13.36 -2.77 23.20
N ARG A 155 -13.00 -3.91 23.80
CA ARG A 155 -13.33 -4.22 25.20
C ARG A 155 -12.11 -4.84 25.89
N VAL A 156 -12.03 -4.66 27.20
CA VAL A 156 -10.86 -5.06 27.97
C VAL A 156 -10.72 -6.58 28.00
N LEU A 157 -9.52 -7.07 27.66
CA LEU A 157 -9.23 -8.50 27.64
C LEU A 157 -8.60 -8.92 28.96
N ARG A 158 -7.51 -8.25 29.33
CA ARG A 158 -6.75 -8.56 30.53
C ARG A 158 -5.82 -7.42 30.91
N GLU A 159 -5.13 -7.57 32.05
CA GLU A 159 -4.07 -6.64 32.43
C GLU A 159 -2.78 -7.00 31.71
N LEU A 160 -2.00 -5.99 31.37
CA LEU A 160 -0.64 -6.17 30.86
C LEU A 160 0.26 -6.57 32.01
N GLU A 161 1.07 -7.61 31.81
CA GLU A 161 2.04 -8.04 32.80
C GLU A 161 3.20 -7.05 32.87
N GLU A 162 3.90 -7.04 34.00
CA GLU A 162 4.95 -6.03 34.25
C GLU A 162 6.05 -6.07 33.18
N ARG A 163 6.40 -7.27 32.71
CA ARG A 163 7.37 -7.44 31.64
C ARG A 163 6.89 -6.80 30.33
N GLU A 164 5.65 -7.12 29.94
CA GLU A 164 5.05 -6.57 28.70
C GLU A 164 5.09 -5.05 28.60
N ILE A 165 4.92 -4.37 29.75
CA ILE A 165 4.92 -2.90 29.81
C ILE A 165 6.32 -2.33 29.56
N LYS A 166 7.36 -2.95 30.14
CA LYS A 166 8.73 -2.47 29.99
C LYS A 166 9.27 -2.68 28.57
N GLN A 167 8.75 -3.66 27.85
CA GLN A 167 9.16 -3.94 26.47
C GLN A 167 8.58 -2.92 25.46
N ILE A 168 7.61 -2.11 25.87
CA ILE A 168 7.06 -1.03 25.03
C ILE A 168 8.12 0.04 24.81
N LYS A 169 8.68 0.54 25.91
CA LYS A 169 9.81 1.49 25.88
C LYS A 169 11.00 0.93 25.10
N LYS A 170 11.31 -0.35 25.33
CA LYS A 170 12.41 -1.02 24.63
C LYS A 170 12.15 -1.10 23.12
N GLN A 171 10.91 -1.37 22.75
CA GLN A 171 10.50 -1.42 21.34
C GLN A 171 10.61 -0.04 20.69
N ALA A 172 10.10 0.98 21.37
CA ALA A 172 10.22 2.37 20.91
C ALA A 172 11.67 2.78 20.66
N ASP A 173 12.57 2.38 21.57
CA ASP A 173 14.01 2.66 21.44
C ASP A 173 14.62 1.93 20.25
N THR A 174 14.21 0.67 20.05
CA THR A 174 14.69 -0.14 18.92
C THR A 174 14.30 0.49 17.58
N HIS A 175 13.06 0.95 17.48
CA HIS A 175 12.55 1.57 16.24
C HIS A 175 13.13 2.98 15.99
N ALA A 176 13.39 3.74 17.05
CA ALA A 176 14.09 5.02 16.95
C ALA A 176 15.55 4.85 16.51
N GLU A 177 16.19 3.79 17.01
CA GLU A 177 17.54 3.42 16.58
C GLU A 177 17.54 3.01 15.10
N LEU A 178 16.55 2.24 14.67
CA LEU A 178 16.40 1.84 13.26
C LEU A 178 16.28 3.06 12.34
N ALA A 179 15.48 4.03 12.76
CA ALA A 179 15.29 5.27 12.02
C ALA A 179 16.57 6.10 11.91
N GLU A 180 17.37 6.09 12.98
CA GLU A 180 18.69 6.73 13.01
C GLU A 180 19.60 6.19 11.90
N HIS A 181 19.57 4.87 11.71
CA HIS A 181 20.33 4.24 10.62
C HIS A 181 19.78 4.57 9.22
N TYR A 182 18.47 4.76 9.10
CA TYR A 182 17.87 5.26 7.86
C TYR A 182 18.37 6.67 7.51
N SER A 183 18.47 7.54 8.52
CA SER A 183 18.94 8.94 8.33
C SER A 183 20.36 9.09 7.77
N ARG A 184 21.21 8.08 7.96
CA ARG A 184 22.60 8.12 7.50
C ARG A 184 22.83 7.69 6.03
N GLU A 185 21.77 7.29 5.32
CA GLU A 185 21.91 6.77 3.95
C GLU A 185 21.28 7.66 2.87
N ARG B 9 -1.06 13.82 -9.91
CA ARG B 9 0.28 13.65 -10.56
C ARG B 9 0.52 12.22 -11.06
N MET B 10 0.14 11.22 -10.26
CA MET B 10 0.09 9.83 -10.72
C MET B 10 -1.31 9.54 -11.29
N ILE B 11 -1.53 10.05 -12.50
CA ILE B 11 -2.70 9.76 -13.31
C ILE B 11 -2.18 8.92 -14.47
N GLN B 12 -2.33 7.60 -14.36
CA GLN B 12 -1.69 6.64 -15.26
C GLN B 12 -2.68 6.07 -16.28
N LYS B 13 -2.26 5.96 -17.54
CA LYS B 13 -3.05 5.26 -18.57
C LYS B 13 -2.91 3.76 -18.36
N PHE B 14 -3.87 3.00 -18.89
CA PHE B 14 -3.73 1.56 -19.01
C PHE B 14 -4.51 1.04 -20.22
N GLU B 15 -3.80 0.46 -21.19
CA GLU B 15 -4.36 -0.01 -22.47
C GLU B 15 -5.05 1.13 -23.24
N GLY B 16 -4.45 2.32 -23.21
CA GLY B 16 -5.04 3.50 -23.82
C GLY B 16 -6.32 4.05 -23.18
N LYS B 17 -6.63 3.58 -21.96
CA LYS B 17 -7.73 4.13 -21.16
C LYS B 17 -7.08 5.07 -20.16
N LYS B 18 -7.45 6.35 -20.22
CA LYS B 18 -6.94 7.36 -19.30
C LYS B 18 -8.07 7.84 -18.40
N PRO B 19 -7.78 8.17 -17.13
CA PRO B 19 -8.84 8.68 -16.27
C PRO B 19 -9.51 9.97 -16.79
N GLU B 20 -10.84 10.00 -16.77
CA GLU B 20 -11.59 11.23 -17.02
C GLU B 20 -11.90 11.86 -15.66
N ILE B 21 -11.19 12.92 -15.33
CA ILE B 21 -11.41 13.63 -14.06
C ILE B 21 -11.97 15.01 -14.36
N HIS B 22 -13.10 15.34 -13.73
CA HIS B 22 -13.74 16.65 -13.88
C HIS B 22 -12.80 17.75 -13.39
N GLU B 23 -12.89 18.92 -14.02
CA GLU B 23 -12.01 20.05 -13.72
C GLU B 23 -12.14 20.64 -12.30
N THR B 24 -13.24 20.34 -11.61
CA THR B 24 -13.48 20.77 -10.23
C THR B 24 -13.23 19.66 -9.20
N ALA B 25 -12.92 18.46 -9.66
CA ALA B 25 -12.43 17.40 -8.78
C ALA B 25 -11.01 17.74 -8.33
N PHE B 26 -10.64 17.24 -7.15
CA PHE B 26 -9.27 17.37 -6.62
C PHE B 26 -8.67 16.00 -6.39
N VAL B 27 -7.55 15.73 -7.05
CA VAL B 27 -6.78 14.50 -6.83
C VAL B 27 -5.44 14.91 -6.22
N HIS B 28 -5.18 14.47 -4.99
CA HIS B 28 -3.92 14.79 -4.32
C HIS B 28 -2.77 14.11 -5.07
N PRO B 29 -1.60 14.76 -5.14
CA PRO B 29 -0.42 14.16 -5.81
C PRO B 29 -0.02 12.75 -5.34
N ARG B 30 -0.27 12.44 -4.08
CA ARG B 30 0.05 11.13 -3.49
C ARG B 30 -1.04 10.05 -3.66
N ALA B 31 -2.17 10.40 -4.27
CA ALA B 31 -3.15 9.40 -4.71
C ALA B 31 -2.70 8.82 -6.04
N THR B 32 -3.25 7.65 -6.38
CA THR B 32 -2.91 6.92 -7.60
C THR B 32 -4.19 6.57 -8.36
N ILE B 33 -4.38 7.18 -9.53
CA ILE B 33 -5.52 6.94 -10.41
C ILE B 33 -5.02 6.27 -11.68
N ILE B 34 -5.46 5.04 -11.94
CA ILE B 34 -4.98 4.26 -13.09
C ILE B 34 -6.15 3.81 -13.97
N GLY B 35 -6.00 3.99 -15.28
CA GLY B 35 -6.89 3.36 -16.26
C GLY B 35 -8.27 3.97 -16.43
N ASP B 36 -9.28 3.11 -16.52
CA ASP B 36 -10.63 3.50 -16.92
C ASP B 36 -11.42 4.05 -15.73
N VAL B 37 -10.98 5.21 -15.24
CA VAL B 37 -11.57 5.85 -14.07
C VAL B 37 -12.37 7.06 -14.53
N GLU B 38 -13.53 7.27 -13.91
CA GLU B 38 -14.36 8.45 -14.15
C GLU B 38 -14.65 9.08 -12.79
N ILE B 39 -14.30 10.36 -12.63
CA ILE B 39 -14.48 11.09 -11.38
C ILE B 39 -15.27 12.37 -11.66
N GLY B 40 -16.41 12.50 -10.99
CA GLY B 40 -17.31 13.64 -11.18
C GLY B 40 -16.85 14.91 -10.48
N PRO B 41 -17.60 16.01 -10.65
CA PRO B 41 -17.23 17.32 -10.10
C PRO B 41 -17.26 17.39 -8.57
N LYS B 42 -16.36 18.21 -8.01
CA LYS B 42 -16.18 18.37 -6.57
C LYS B 42 -15.82 17.11 -5.76
N THR B 43 -15.44 16.03 -6.45
CA THR B 43 -15.03 14.79 -5.81
C THR B 43 -13.54 14.89 -5.48
N SER B 44 -13.18 14.43 -4.28
CA SER B 44 -11.82 14.56 -3.77
C SER B 44 -11.20 13.17 -3.54
N VAL B 45 -9.91 13.06 -3.87
CA VAL B 45 -9.13 11.84 -3.67
C VAL B 45 -7.85 12.21 -2.92
N TRP B 46 -7.63 11.57 -1.78
CA TRP B 46 -6.66 12.00 -0.77
C TRP B 46 -5.43 11.09 -0.76
N PRO B 47 -4.33 11.52 -0.09
CA PRO B 47 -3.04 10.80 -0.13
C PRO B 47 -3.14 9.29 0.10
N GLY B 48 -2.48 8.52 -0.76
CA GLY B 48 -2.43 7.07 -0.64
C GLY B 48 -3.62 6.29 -1.18
N ALA B 49 -4.67 7.00 -1.59
CA ALA B 49 -5.84 6.35 -2.17
C ALA B 49 -5.46 5.78 -3.53
N VAL B 50 -5.81 4.52 -3.77
CA VAL B 50 -5.54 3.85 -5.03
C VAL B 50 -6.86 3.54 -5.73
N ILE B 51 -7.06 4.15 -6.90
CA ILE B 51 -8.24 3.93 -7.72
C ILE B 51 -7.73 3.32 -9.01
N ARG B 52 -7.70 1.98 -9.04
CA ARG B 52 -7.08 1.21 -10.09
C ARG B 52 -8.13 0.53 -10.96
N ALA B 53 -8.45 1.16 -12.09
CA ALA B 53 -9.45 0.63 -13.03
C ALA B 53 -8.73 0.00 -14.22
N ASP B 54 -8.11 -1.16 -13.99
CA ASP B 54 -7.32 -1.85 -15.03
C ASP B 54 -8.09 -3.02 -15.65
N ILE B 55 -8.63 -3.88 -14.81
CA ILE B 55 -9.40 -5.05 -15.26
C ILE B 55 -10.88 -4.76 -15.55
N GLU B 56 -11.34 -3.55 -15.21
CA GLU B 56 -12.73 -3.10 -15.48
C GLU B 56 -12.85 -1.62 -15.04
N LYS B 57 -13.96 -0.97 -15.38
CA LYS B 57 -14.20 0.45 -15.11
C LYS B 57 -14.45 0.78 -13.64
N ILE B 58 -14.06 1.99 -13.23
CA ILE B 58 -14.46 2.57 -11.94
C ILE B 58 -15.15 3.91 -12.23
N THR B 59 -16.38 4.07 -11.76
CA THR B 59 -17.14 5.32 -11.93
C THR B 59 -17.41 5.90 -10.55
N ILE B 60 -17.03 7.17 -10.36
CA ILE B 60 -17.27 7.89 -9.11
C ILE B 60 -18.03 9.17 -9.48
N GLY B 61 -19.07 9.46 -8.70
CA GLY B 61 -19.97 10.58 -8.98
C GLY B 61 -19.44 11.93 -8.52
N LYS B 62 -20.36 12.83 -8.22
CA LYS B 62 -20.02 14.19 -7.81
C LYS B 62 -20.04 14.34 -6.29
N ASN B 63 -19.17 15.21 -5.77
CA ASN B 63 -19.14 15.60 -4.36
C ASN B 63 -18.86 14.42 -3.39
N THR B 64 -18.05 13.46 -3.85
CA THR B 64 -17.69 12.27 -3.06
C THR B 64 -16.24 12.37 -2.53
N CYS B 65 -16.02 11.82 -1.33
CA CYS B 65 -14.71 11.84 -0.67
CA CYS B 65 -14.71 11.84 -0.67
C CYS B 65 -14.09 10.45 -0.67
N ILE B 66 -12.91 10.32 -1.29
CA ILE B 66 -12.13 9.07 -1.26
C ILE B 66 -10.95 9.33 -0.33
N LYS B 67 -11.12 9.00 0.95
CA LYS B 67 -10.17 9.37 2.00
C LYS B 67 -8.87 8.54 1.94
N ASP B 68 -7.92 8.88 2.82
CA ASP B 68 -6.52 8.44 2.71
C ASP B 68 -6.36 6.92 2.80
N ASN B 69 -5.46 6.39 1.97
CA ASN B 69 -5.14 4.95 1.91
C ASN B 69 -6.31 4.02 1.54
N ALA B 70 -7.41 4.57 1.01
CA ALA B 70 -8.52 3.75 0.55
C ALA B 70 -8.14 3.11 -0.78
N VAL B 71 -8.62 1.88 -1.01
CA VAL B 71 -8.31 1.16 -2.23
C VAL B 71 -9.62 0.88 -2.97
N ILE B 72 -9.66 1.21 -4.26
CA ILE B 72 -10.82 0.95 -5.09
C ILE B 72 -10.35 0.16 -6.29
N HIS B 73 -10.87 -1.07 -6.43
CA HIS B 73 -10.45 -2.00 -7.46
C HIS B 73 -11.64 -2.84 -7.94
N PRO B 74 -11.81 -3.01 -9.27
CA PRO B 74 -12.82 -3.95 -9.74
C PRO B 74 -12.53 -5.40 -9.34
N ALA B 75 -13.56 -6.23 -9.33
CA ALA B 75 -13.44 -7.62 -8.93
C ALA B 75 -13.13 -8.52 -10.10
N ASP B 76 -12.33 -9.54 -9.84
CA ASP B 76 -12.15 -10.67 -10.76
C ASP B 76 -12.80 -11.87 -10.06
N VAL B 77 -13.72 -12.52 -10.77
CA VAL B 77 -14.57 -13.57 -10.20
C VAL B 77 -14.31 -14.87 -10.94
N TYR B 78 -14.18 -15.96 -10.18
CA TYR B 78 -13.73 -17.27 -10.70
C TYR B 78 -14.71 -18.43 -10.48
N HIS B 79 -15.98 -18.11 -10.20
CA HIS B 79 -17.02 -19.14 -10.02
C HIS B 79 -17.45 -19.83 -11.33
N GLU B 80 -17.10 -19.22 -12.47
CA GLU B 80 -17.27 -19.81 -13.78
C GLU B 80 -15.89 -20.02 -14.39
N GLU B 81 -15.77 -20.94 -15.34
CA GLU B 81 -14.46 -21.23 -15.99
C GLU B 81 -13.99 -20.03 -16.82
N GLU B 82 -14.93 -19.31 -17.43
CA GLU B 82 -14.65 -18.00 -18.01
C GLU B 82 -14.57 -16.97 -16.88
N ILE B 83 -13.47 -16.22 -16.82
CA ILE B 83 -13.26 -15.22 -15.76
C ILE B 83 -14.17 -14.02 -16.01
N GLU B 84 -14.76 -13.49 -14.94
CA GLU B 84 -15.70 -12.39 -15.02
C GLU B 84 -15.19 -11.20 -14.22
N TYR B 85 -15.47 -10.00 -14.71
CA TYR B 85 -14.97 -8.76 -14.12
C TYR B 85 -16.13 -7.85 -13.76
N VAL B 86 -16.16 -7.38 -12.51
CA VAL B 86 -17.24 -6.54 -11.99
C VAL B 86 -16.70 -5.13 -11.76
N PRO B 87 -17.32 -4.10 -12.39
CA PRO B 87 -16.90 -2.73 -12.15
C PRO B 87 -17.25 -2.19 -10.78
N VAL B 88 -16.70 -1.02 -10.45
CA VAL B 88 -17.08 -0.27 -9.26
C VAL B 88 -17.92 0.91 -9.71
N LYS B 89 -19.01 1.16 -8.99
CA LYS B 89 -19.81 2.37 -9.18
C LYS B 89 -20.02 3.02 -7.82
N ILE B 90 -19.60 4.28 -7.70
CA ILE B 90 -19.79 5.06 -6.48
C ILE B 90 -20.57 6.31 -6.87
N GLY B 91 -21.65 6.59 -6.13
CA GLY B 91 -22.57 7.69 -6.47
C GLY B 91 -22.13 9.04 -5.94
N ASP B 92 -23.11 9.88 -5.60
CA ASP B 92 -22.87 11.26 -5.18
C ASP B 92 -22.91 11.43 -3.66
N ASN B 93 -22.21 12.44 -3.16
CA ASN B 93 -22.24 12.84 -1.73
C ASN B 93 -21.83 11.72 -0.77
N ASN B 94 -20.92 10.85 -1.20
CA ASN B 94 -20.44 9.73 -0.38
C ASN B 94 -19.15 10.07 0.37
N ILE B 95 -18.98 9.44 1.53
CA ILE B 95 -17.70 9.42 2.24
C ILE B 95 -17.20 7.99 2.17
N ILE B 96 -16.10 7.79 1.45
CA ILE B 96 -15.36 6.52 1.48
C ILE B 96 -14.20 6.76 2.46
N GLY B 97 -14.32 6.18 3.65
CA GLY B 97 -13.46 6.52 4.80
C GLY B 97 -12.01 6.10 4.66
N HIS B 98 -11.18 6.61 5.58
CA HIS B 98 -9.75 6.32 5.59
C HIS B 98 -9.56 4.81 5.54
N ARG B 99 -8.77 4.33 4.58
CA ARG B 99 -8.37 2.92 4.52
C ARG B 99 -9.50 1.92 4.19
N ALA B 100 -10.60 2.42 3.63
CA ALA B 100 -11.71 1.55 3.23
C ALA B 100 -11.35 0.85 1.91
N LEU B 101 -11.93 -0.32 1.68
CA LEU B 101 -11.75 -1.06 0.42
C LEU B 101 -13.10 -1.21 -0.27
N ILE B 102 -13.19 -0.68 -1.49
CA ILE B 102 -14.36 -0.86 -2.33
C ILE B 102 -13.96 -1.80 -3.46
N HIS B 103 -14.36 -3.07 -3.36
CA HIS B 103 -13.91 -4.10 -4.30
C HIS B 103 -15.05 -4.63 -5.16
N GLY B 104 -15.11 -4.18 -6.42
CA GLY B 104 -16.14 -4.59 -7.38
C GLY B 104 -17.57 -4.41 -6.89
N ALA B 105 -17.78 -3.36 -6.09
CA ALA B 105 -19.03 -3.14 -5.37
C ALA B 105 -19.68 -1.87 -5.88
N LYS B 106 -20.92 -1.64 -5.44
CA LYS B 106 -21.68 -0.46 -5.83
C LYS B 106 -22.04 0.35 -4.59
N ILE B 107 -21.65 1.62 -4.56
CA ILE B 107 -22.06 2.54 -3.51
C ILE B 107 -23.01 3.55 -4.15
N ASN B 108 -24.19 3.73 -3.55
CA ASN B 108 -25.22 4.64 -4.11
C ASN B 108 -24.97 6.08 -3.62
N ASP B 109 -25.97 6.81 -3.12
CA ASP B 109 -25.79 8.23 -2.78
C ASP B 109 -25.84 8.48 -1.28
N GLU B 110 -25.24 9.60 -0.86
CA GLU B 110 -25.32 10.06 0.53
C GLU B 110 -25.16 8.93 1.56
N SER B 111 -24.06 8.19 1.44
CA SER B 111 -23.74 7.10 2.37
C SER B 111 -22.30 7.18 2.86
N ILE B 112 -22.04 6.55 4.00
CA ILE B 112 -20.71 6.52 4.60
C ILE B 112 -20.20 5.08 4.62
N VAL B 113 -19.12 4.84 3.90
CA VAL B 113 -18.34 3.62 4.06
C VAL B 113 -17.31 3.96 5.12
N GLY B 114 -17.46 3.37 6.31
CA GLY B 114 -16.62 3.68 7.47
C GLY B 114 -15.15 3.32 7.28
N ALA B 115 -14.30 3.95 8.09
CA ALA B 115 -12.85 3.76 8.00
C ALA B 115 -12.46 2.30 8.20
N GLY B 116 -11.58 1.81 7.32
CA GLY B 116 -11.08 0.45 7.42
C GLY B 116 -12.02 -0.67 7.00
N SER B 117 -13.23 -0.33 6.55
CA SER B 117 -14.22 -1.36 6.20
C SER B 117 -13.97 -1.90 4.80
N ILE B 118 -14.59 -3.02 4.50
CA ILE B 118 -14.51 -3.66 3.19
C ILE B 118 -15.92 -3.80 2.63
N VAL B 119 -16.12 -3.34 1.40
CA VAL B 119 -17.35 -3.59 0.65
C VAL B 119 -16.96 -4.42 -0.57
N PHE B 120 -17.30 -5.71 -0.53
CA PHE B 120 -16.73 -6.69 -1.46
C PHE B 120 -17.62 -7.00 -2.68
N ASN B 121 -17.06 -7.78 -3.61
CA ASN B 121 -17.67 -8.19 -4.89
C ASN B 121 -19.20 -8.23 -4.99
N LYS B 122 -19.76 -7.40 -5.86
CA LYS B 122 -21.21 -7.34 -6.15
C LYS B 122 -22.11 -6.93 -4.97
N ALA B 123 -21.51 -6.41 -3.90
CA ALA B 123 -22.27 -5.87 -2.78
C ALA B 123 -22.82 -4.52 -3.18
N GLU B 124 -23.82 -4.07 -2.44
CA GLU B 124 -24.43 -2.78 -2.71
C GLU B 124 -24.74 -2.03 -1.42
N VAL B 125 -24.09 -0.88 -1.25
CA VAL B 125 -24.37 0.03 -0.15
C VAL B 125 -25.41 1.02 -0.64
N LYS B 126 -26.62 0.92 -0.10
CA LYS B 126 -27.74 1.76 -0.51
C LYS B 126 -27.66 3.15 0.08
N THR B 127 -28.45 4.05 -0.51
CA THR B 127 -28.51 5.46 -0.13
C THR B 127 -28.87 5.67 1.34
N ASN B 128 -28.24 6.66 1.97
CA ASN B 128 -28.44 7.00 3.39
C ASN B 128 -28.21 5.80 4.31
N SER B 129 -27.10 5.11 4.11
CA SER B 129 -26.69 4.01 4.99
C SER B 129 -25.22 4.16 5.41
N MET B 130 -24.81 3.37 6.40
CA MET B 130 -23.44 3.37 6.90
C MET B 130 -22.89 1.96 6.99
N VAL B 131 -21.66 1.79 6.52
CA VAL B 131 -20.87 0.61 6.85
C VAL B 131 -20.02 1.04 8.04
N GLY B 132 -20.11 0.29 9.13
CA GLY B 132 -19.35 0.58 10.35
C GLY B 132 -17.86 0.35 10.16
N MET B 133 -17.07 0.94 11.05
CA MET B 133 -15.61 0.90 10.95
C MET B 133 -15.11 -0.53 11.11
N GLY B 134 -14.26 -0.96 10.18
CA GLY B 134 -13.73 -2.31 10.17
C GLY B 134 -14.70 -3.42 9.78
N ALA B 135 -15.89 -3.05 9.33
CA ALA B 135 -16.91 -4.04 8.96
C ALA B 135 -16.57 -4.65 7.61
N VAL B 136 -17.04 -5.87 7.39
CA VAL B 136 -16.81 -6.57 6.14
C VAL B 136 -18.16 -6.92 5.53
N VAL B 137 -18.55 -6.17 4.49
CA VAL B 137 -19.75 -6.44 3.72
C VAL B 137 -19.39 -7.49 2.66
N LEU B 138 -20.01 -8.67 2.74
CA LEU B 138 -19.63 -9.84 1.94
C LEU B 138 -20.12 -9.78 0.49
N GLU B 139 -19.72 -10.77 -0.30
CA GLU B 139 -20.18 -10.94 -1.69
C GLU B 139 -21.70 -10.84 -1.77
N LYS B 140 -22.18 -9.99 -2.67
CA LYS B 140 -23.62 -9.82 -2.95
C LYS B 140 -24.47 -9.28 -1.79
N GLN B 141 -23.85 -8.86 -0.69
CA GLN B 141 -24.59 -8.40 0.48
C GLN B 141 -25.11 -6.99 0.25
N GLU B 142 -26.31 -6.73 0.75
CA GLU B 142 -26.98 -5.44 0.58
C GLU B 142 -27.10 -4.72 1.93
N VAL B 143 -26.52 -3.53 2.02
CA VAL B 143 -26.66 -2.67 3.19
C VAL B 143 -27.92 -1.86 2.94
N PRO B 144 -28.97 -2.04 3.78
CA PRO B 144 -30.25 -1.37 3.50
C PRO B 144 -30.27 0.14 3.75
N ASN B 145 -31.26 0.83 3.17
CA ASN B 145 -31.48 2.27 3.39
C ASN B 145 -31.68 2.57 4.88
N GLY B 146 -31.15 3.70 5.33
CA GLY B 146 -31.38 4.18 6.70
C GLY B 146 -30.80 3.37 7.84
N LYS B 147 -29.88 2.44 7.55
CA LYS B 147 -29.33 1.54 8.57
C LYS B 147 -27.80 1.58 8.61
N ILE B 148 -27.26 1.12 9.72
CA ILE B 148 -25.82 0.97 9.90
C ILE B 148 -25.53 -0.51 10.09
N VAL B 149 -24.51 -1.01 9.39
CA VAL B 149 -24.06 -2.39 9.54
C VAL B 149 -22.68 -2.41 10.19
N VAL B 150 -22.42 -3.43 11.00
CA VAL B 150 -21.17 -3.54 11.77
C VAL B 150 -20.67 -4.98 11.84
N GLY B 151 -19.39 -5.12 12.16
CA GLY B 151 -18.79 -6.42 12.42
C GLY B 151 -18.43 -7.21 11.19
N ILE B 152 -17.97 -8.44 11.42
CA ILE B 152 -17.49 -9.34 10.37
C ILE B 152 -18.14 -10.72 10.57
N PRO B 153 -19.11 -11.13 9.74
CA PRO B 153 -19.66 -10.35 8.63
C PRO B 153 -20.45 -9.12 9.07
N ALA B 154 -20.68 -8.21 8.13
CA ALA B 154 -21.49 -7.01 8.40
C ALA B 154 -22.92 -7.41 8.67
N ARG B 155 -23.45 -6.97 9.81
CA ARG B 155 -24.84 -7.19 10.20
C ARG B 155 -25.46 -5.90 10.70
N VAL B 156 -26.77 -5.77 10.54
CA VAL B 156 -27.49 -4.57 10.94
C VAL B 156 -27.42 -4.37 12.46
N LEU B 157 -26.99 -3.18 12.87
CA LEU B 157 -26.94 -2.80 14.27
C LEU B 157 -28.25 -2.09 14.63
N ARG B 158 -28.55 -1.01 13.91
CA ARG B 158 -29.71 -0.16 14.23
C ARG B 158 -30.08 0.73 13.05
N GLU B 159 -31.18 1.45 13.18
CA GLU B 159 -31.55 2.49 12.21
C GLU B 159 -30.77 3.75 12.51
N LEU B 160 -30.48 4.53 11.47
CA LEU B 160 -29.82 5.81 11.62
C LEU B 160 -30.87 6.85 11.99
N GLU B 161 -30.48 7.81 12.85
CA GLU B 161 -31.37 8.90 13.25
C GLU B 161 -31.55 9.82 12.05
N GLU B 162 -32.64 10.57 12.00
CA GLU B 162 -32.89 11.49 10.87
C GLU B 162 -31.82 12.59 10.79
N ARG B 163 -31.28 13.00 11.93
CA ARG B 163 -30.13 13.91 11.98
C ARG B 163 -28.85 13.25 11.43
N GLU B 164 -28.55 12.04 11.90
CA GLU B 164 -27.39 11.27 11.41
C GLU B 164 -27.37 11.18 9.88
N ILE B 165 -28.53 10.92 9.29
CA ILE B 165 -28.68 10.87 7.82
C ILE B 165 -28.44 12.24 7.18
N LYS B 166 -29.08 13.28 7.71
CA LYS B 166 -28.93 14.64 7.15
C LYS B 166 -27.49 15.20 7.24
N GLN B 167 -26.71 14.74 8.23
CA GLN B 167 -25.31 15.18 8.39
C GLN B 167 -24.30 14.45 7.48
N ILE B 168 -24.75 13.47 6.67
CA ILE B 168 -23.90 12.84 5.66
C ILE B 168 -23.63 13.82 4.51
N LYS B 169 -24.69 14.39 3.97
CA LYS B 169 -24.60 15.43 2.95
C LYS B 169 -23.75 16.62 3.43
N LYS B 170 -23.93 17.01 4.70
CA LYS B 170 -23.15 18.11 5.27
C LYS B 170 -21.66 17.77 5.38
N GLN B 171 -21.35 16.50 5.69
CA GLN B 171 -19.96 16.04 5.71
C GLN B 171 -19.36 16.08 4.30
N ALA B 172 -20.10 15.58 3.31
CA ALA B 172 -19.67 15.61 1.92
C ALA B 172 -19.35 17.04 1.46
N ASP B 173 -20.17 18.01 1.88
CA ASP B 173 -19.94 19.42 1.54
C ASP B 173 -18.69 20.00 2.21
N THR B 174 -18.50 19.64 3.48
CA THR B 174 -17.36 20.11 4.27
C THR B 174 -16.05 19.66 3.67
N HIS B 175 -15.98 18.38 3.32
CA HIS B 175 -14.79 17.78 2.71
C HIS B 175 -14.53 18.23 1.26
N ALA B 176 -15.59 18.58 0.54
CA ALA B 176 -15.46 19.15 -0.81
C ALA B 176 -14.95 20.59 -0.76
N GLU B 177 -15.40 21.35 0.24
CA GLU B 177 -14.89 22.71 0.48
C GLU B 177 -13.41 22.67 0.90
N LEU B 178 -13.04 21.70 1.74
CA LEU B 178 -11.63 21.46 2.10
C LEU B 178 -10.77 21.22 0.85
N ALA B 179 -11.23 20.33 -0.01
CA ALA B 179 -10.56 20.02 -1.28
C ALA B 179 -10.37 21.24 -2.18
N GLU B 180 -11.34 22.16 -2.15
CA GLU B 180 -11.27 23.39 -2.92
C GLU B 180 -10.12 24.27 -2.45
N HIS B 181 -9.89 24.32 -1.14
CA HIS B 181 -8.75 25.06 -0.58
C HIS B 181 -7.39 24.42 -0.89
N TYR B 182 -7.35 23.09 -0.98
CA TYR B 182 -6.15 22.40 -1.48
C TYR B 182 -5.85 22.79 -2.93
N SER B 183 -6.90 22.81 -3.77
CA SER B 183 -6.76 23.20 -5.19
C SER B 183 -6.14 24.59 -5.41
N ARG B 184 -6.43 25.53 -4.52
CA ARG B 184 -5.91 26.90 -4.63
C ARG B 184 -4.41 27.07 -4.34
N GLU B 185 -3.79 26.07 -3.69
CA GLU B 185 -2.37 26.10 -3.36
C GLU B 185 -1.58 25.15 -4.26
N ILE B 186 -1.68 25.38 -5.57
CA ILE B 186 -1.12 24.52 -6.64
C ILE B 186 -1.18 23.01 -6.37
N ARG C 9 10.56 2.46 -9.25
CA ARG C 9 10.98 3.84 -8.82
C ARG C 9 11.62 3.86 -7.43
N MET C 10 10.83 3.48 -6.42
CA MET C 10 11.32 3.39 -5.03
C MET C 10 11.77 1.96 -4.75
N ILE C 11 12.95 1.61 -5.26
CA ILE C 11 13.66 0.38 -4.93
C ILE C 11 14.85 0.84 -4.08
N GLN C 12 14.59 1.02 -2.79
CA GLN C 12 15.55 1.61 -1.86
C GLN C 12 16.52 0.58 -1.28
N LYS C 13 17.76 1.01 -1.08
CA LYS C 13 18.80 0.19 -0.48
C LYS C 13 18.82 0.43 1.02
N PHE C 14 19.13 -0.61 1.79
CA PHE C 14 19.30 -0.45 3.24
C PHE C 14 20.46 -1.27 3.76
N GLU C 15 21.46 -0.57 4.31
CA GLU C 15 22.54 -1.18 5.08
C GLU C 15 23.42 -2.09 4.19
N GLY C 16 23.65 -1.64 2.95
CA GLY C 16 24.36 -2.44 1.95
C GLY C 16 23.48 -3.31 1.08
N LYS C 17 22.44 -3.90 1.67
CA LYS C 17 21.55 -4.84 0.98
C LYS C 17 20.56 -4.09 0.08
N LYS C 18 20.48 -4.52 -1.19
CA LYS C 18 19.55 -3.97 -2.18
C LYS C 18 18.55 -5.06 -2.60
N PRO C 19 17.29 -4.67 -2.92
CA PRO C 19 16.31 -5.66 -3.39
C PRO C 19 16.76 -6.44 -4.61
N GLU C 20 16.73 -7.77 -4.51
CA GLU C 20 17.04 -8.68 -5.60
C GLU C 20 15.73 -9.08 -6.28
N ILE C 21 15.44 -8.45 -7.42
CA ILE C 21 14.16 -8.58 -8.11
C ILE C 21 14.37 -9.20 -9.48
N HIS C 22 13.67 -10.29 -9.77
CA HIS C 22 13.79 -11.02 -11.03
C HIS C 22 13.34 -10.15 -12.20
N GLU C 23 13.94 -10.37 -13.37
CA GLU C 23 13.68 -9.53 -14.55
C GLU C 23 12.26 -9.62 -15.15
N THR C 24 11.53 -10.69 -14.83
CA THR C 24 10.13 -10.87 -15.24
C THR C 24 9.12 -10.39 -14.18
N ALA C 25 9.59 -10.13 -12.96
CA ALA C 25 8.74 -9.54 -11.92
C ALA C 25 8.35 -8.12 -12.27
N PHE C 26 7.28 -7.64 -11.66
CA PHE C 26 6.78 -6.28 -11.89
C PHE C 26 6.62 -5.58 -10.55
N VAL C 27 7.25 -4.41 -10.43
CA VAL C 27 7.04 -3.54 -9.28
C VAL C 27 6.46 -2.24 -9.81
N HIS C 28 5.25 -1.90 -9.37
CA HIS C 28 4.62 -0.65 -9.77
C HIS C 28 5.38 0.51 -9.13
N PRO C 29 5.58 1.63 -9.87
CA PRO C 29 6.31 2.78 -9.35
C PRO C 29 5.91 3.24 -7.95
N ARG C 30 4.61 3.22 -7.68
CA ARG C 30 4.06 3.62 -6.38
C ARG C 30 4.21 2.58 -5.24
N ALA C 31 4.73 1.40 -5.52
CA ALA C 31 5.15 0.46 -4.48
C ALA C 31 6.50 0.87 -3.90
N THR C 32 6.77 0.43 -2.67
CA THR C 32 8.01 0.74 -1.97
C THR C 32 8.69 -0.57 -1.57
N ILE C 33 9.93 -0.75 -2.00
CA ILE C 33 10.70 -1.96 -1.71
C ILE C 33 12.04 -1.52 -1.13
N ILE C 34 12.35 -2.01 0.08
CA ILE C 34 13.49 -1.51 0.86
C ILE C 34 14.31 -2.68 1.39
N GLY C 35 15.61 -2.68 1.10
CA GLY C 35 16.56 -3.55 1.79
C GLY C 35 16.65 -4.98 1.29
N ASP C 36 16.70 -5.93 2.23
CA ASP C 36 17.03 -7.33 1.93
C ASP C 36 15.81 -8.09 1.41
N VAL C 37 15.34 -7.69 0.22
CA VAL C 37 14.14 -8.24 -0.40
C VAL C 37 14.55 -9.12 -1.57
N GLU C 38 13.87 -10.25 -1.70
CA GLU C 38 14.11 -11.19 -2.79
C GLU C 38 12.75 -11.48 -3.44
N ILE C 39 12.62 -11.17 -4.74
CA ILE C 39 11.35 -11.35 -5.46
C ILE C 39 11.57 -12.23 -6.70
N GLY C 40 10.84 -13.35 -6.74
CA GLY C 40 10.97 -14.34 -7.81
C GLY C 40 10.30 -13.94 -9.11
N PRO C 41 10.41 -14.77 -10.16
CA PRO C 41 9.86 -14.46 -11.48
C PRO C 41 8.34 -14.34 -11.51
N LYS C 42 7.83 -13.49 -12.39
CA LYS C 42 6.40 -13.25 -12.61
C LYS C 42 5.62 -12.66 -11.40
N THR C 43 6.32 -12.34 -10.31
CA THR C 43 5.69 -11.80 -9.12
C THR C 43 5.40 -10.32 -9.36
N SER C 44 4.25 -9.86 -8.85
CA SER C 44 3.81 -8.48 -9.04
C SER C 44 3.60 -7.78 -7.68
N VAL C 45 4.02 -6.52 -7.61
CA VAL C 45 3.81 -5.66 -6.44
C VAL C 45 3.13 -4.38 -6.93
N TRP C 46 2.07 -3.98 -6.23
CA TRP C 46 1.10 -3.00 -6.74
C TRP C 46 1.12 -1.70 -5.92
N PRO C 47 0.48 -0.62 -6.42
CA PRO C 47 0.55 0.70 -5.77
C PRO C 47 0.32 0.69 -4.27
N GLY C 48 1.20 1.41 -3.55
CA GLY C 48 1.08 1.57 -2.09
C GLY C 48 1.61 0.42 -1.24
N ALA C 49 1.95 -0.71 -1.86
CA ALA C 49 2.48 -1.86 -1.14
C ALA C 49 3.87 -1.54 -0.60
N VAL C 50 4.15 -1.97 0.62
CA VAL C 50 5.43 -1.73 1.28
C VAL C 50 6.08 -3.07 1.67
N ILE C 51 7.23 -3.35 1.06
CA ILE C 51 8.01 -4.54 1.35
C ILE C 51 9.34 -4.08 1.96
N ARG C 52 9.34 -3.95 3.28
CA ARG C 52 10.43 -3.32 4.03
C ARG C 52 11.29 -4.36 4.74
N ALA C 53 12.36 -4.82 4.09
CA ALA C 53 13.26 -5.82 4.66
C ALA C 53 14.48 -5.14 5.26
N ASP C 54 14.27 -4.52 6.42
CA ASP C 54 15.32 -3.72 7.07
C ASP C 54 15.88 -4.38 8.33
N ILE C 55 15.00 -4.86 9.20
CA ILE C 55 15.42 -5.56 10.43
C ILE C 55 15.68 -7.06 10.23
N GLU C 56 15.41 -7.58 9.03
CA GLU C 56 15.63 -9.00 8.66
C GLU C 56 15.16 -9.19 7.18
N LYS C 57 15.43 -10.36 6.58
CA LYS C 57 15.06 -10.65 5.19
C LYS C 57 13.54 -10.82 4.94
N ILE C 58 13.11 -10.45 3.72
CA ILE C 58 11.80 -10.82 3.16
C ILE C 58 12.06 -11.56 1.84
N THR C 59 11.56 -12.80 1.73
CA THR C 59 11.69 -13.59 0.52
C THR C 59 10.30 -13.87 -0.07
N ILE C 60 10.10 -13.48 -1.34
CA ILE C 60 8.84 -13.73 -2.04
C ILE C 60 9.15 -14.60 -3.26
N GLY C 61 8.37 -15.66 -3.46
CA GLY C 61 8.59 -16.63 -4.53
C GLY C 61 8.12 -16.14 -5.89
N LYS C 62 7.76 -17.09 -6.75
CA LYS C 62 7.37 -16.80 -8.14
C LYS C 62 5.85 -16.79 -8.32
N ASN C 63 5.39 -15.96 -9.25
CA ASN C 63 3.96 -15.90 -9.61
C ASN C 63 3.05 -15.46 -8.44
N THR C 64 3.59 -14.66 -7.51
CA THR C 64 2.85 -14.20 -6.34
C THR C 64 2.40 -12.75 -6.52
N CYS C 65 1.28 -12.39 -5.91
CA CYS C 65 0.70 -11.06 -6.01
CA CYS C 65 0.68 -11.06 -6.00
C CYS C 65 0.75 -10.36 -4.65
N ILE C 66 1.36 -9.18 -4.61
CA ILE C 66 1.34 -8.32 -3.42
C ILE C 66 0.46 -7.13 -3.79
N LYS C 67 -0.82 -7.22 -3.48
CA LYS C 67 -1.83 -6.25 -3.92
C LYS C 67 -1.72 -4.90 -3.18
N ASP C 68 -2.55 -3.94 -3.58
CA ASP C 68 -2.41 -2.53 -3.21
C ASP C 68 -2.47 -2.29 -1.71
N ASN C 69 -1.57 -1.41 -1.22
CA ASN C 69 -1.46 -1.04 0.21
C ASN C 69 -1.13 -2.19 1.17
N ALA C 70 -0.69 -3.33 0.65
CA ALA C 70 -0.27 -4.45 1.49
C ALA C 70 1.07 -4.10 2.12
N VAL C 71 1.30 -4.57 3.35
CA VAL C 71 2.53 -4.29 4.08
C VAL C 71 3.19 -5.61 4.46
N ILE C 72 4.47 -5.75 4.12
CA ILE C 72 5.25 -6.92 4.50
C ILE C 72 6.47 -6.42 5.27
N HIS C 73 6.58 -6.87 6.52
CA HIS C 73 7.65 -6.44 7.43
C HIS C 73 8.08 -7.60 8.34
N PRO C 74 9.40 -7.79 8.54
CA PRO C 74 9.84 -8.78 9.53
C PRO C 74 9.48 -8.38 10.95
N ALA C 75 9.38 -9.37 11.83
CA ALA C 75 8.94 -9.15 13.21
C ALA C 75 10.12 -8.90 14.14
N ASP C 76 9.89 -8.04 15.13
CA ASP C 76 10.80 -7.86 16.26
C ASP C 76 10.11 -8.38 17.53
N VAL C 77 10.51 -9.57 17.96
CA VAL C 77 9.93 -10.24 19.13
C VAL C 77 10.82 -9.99 20.34
N TYR C 78 10.21 -9.62 21.46
CA TYR C 78 10.95 -9.18 22.66
C TYR C 78 10.94 -10.22 23.78
N HIS C 79 12.09 -10.88 23.94
CA HIS C 79 12.31 -11.84 25.03
C HIS C 79 12.84 -11.08 26.25
N GLU C 80 13.11 -11.79 27.34
CA GLU C 80 13.54 -11.17 28.61
C GLU C 80 14.84 -10.36 28.51
N GLU C 81 15.74 -10.75 27.61
CA GLU C 81 16.99 -10.03 27.37
C GLU C 81 17.19 -9.70 25.88
N GLU C 82 17.33 -10.73 25.05
CA GLU C 82 17.65 -10.55 23.62
C GLU C 82 16.40 -10.28 22.75
N ILE C 83 16.63 -9.62 21.62
CA ILE C 83 15.59 -9.32 20.63
C ILE C 83 15.74 -10.29 19.46
N GLU C 84 14.66 -11.01 19.14
CA GLU C 84 14.64 -11.92 18.00
C GLU C 84 14.03 -11.22 16.80
N TYR C 85 14.66 -11.35 15.65
CA TYR C 85 14.14 -10.81 14.40
C TYR C 85 13.73 -11.97 13.49
N VAL C 86 12.47 -11.97 13.07
CA VAL C 86 11.88 -13.08 12.31
C VAL C 86 11.64 -12.67 10.85
N PRO C 87 12.28 -13.36 9.88
CA PRO C 87 12.08 -13.02 8.47
C PRO C 87 10.69 -13.37 7.96
N VAL C 88 10.30 -12.73 6.86
CA VAL C 88 9.10 -13.11 6.11
C VAL C 88 9.55 -14.02 4.98
N LYS C 89 8.80 -15.10 4.77
CA LYS C 89 9.02 -15.99 3.64
C LYS C 89 7.67 -16.27 2.99
N ILE C 90 7.53 -15.89 1.72
CA ILE C 90 6.30 -16.08 0.95
C ILE C 90 6.63 -16.90 -0.29
N GLY C 91 5.85 -17.97 -0.51
CA GLY C 91 6.13 -18.94 -1.57
C GLY C 91 5.56 -18.57 -2.92
N ASP C 92 5.21 -19.58 -3.71
CA ASP C 92 4.77 -19.41 -5.09
C ASP C 92 3.24 -19.35 -5.22
N ASN C 93 2.78 -18.69 -6.28
CA ASN C 93 1.36 -18.67 -6.68
C ASN C 93 0.41 -18.13 -5.60
N ASN C 94 0.90 -17.23 -4.75
CA ASN C 94 0.09 -16.69 -3.66
C ASN C 94 -0.57 -15.38 -4.03
N ILE C 95 -1.68 -15.09 -3.36
CA ILE C 95 -2.34 -13.78 -3.44
C ILE C 95 -2.27 -13.18 -2.06
N ILE C 96 -1.49 -12.11 -1.92
CA ILE C 96 -1.51 -11.29 -0.71
C ILE C 96 -2.47 -10.14 -1.01
N GLY C 97 -3.61 -10.12 -0.31
CA GLY C 97 -4.74 -9.27 -0.67
C GLY C 97 -4.56 -7.79 -0.42
N HIS C 98 -5.48 -7.00 -0.97
CA HIS C 98 -5.49 -5.54 -0.79
C HIS C 98 -5.43 -5.22 0.70
N ARG C 99 -4.44 -4.41 1.09
CA ARG C 99 -4.30 -3.92 2.48
C ARG C 99 -3.99 -5.00 3.52
N ALA C 100 -3.48 -6.16 3.10
CA ALA C 100 -3.11 -7.23 4.02
C ALA C 100 -1.77 -6.94 4.70
N LEU C 101 -1.59 -7.45 5.92
CA LEU C 101 -0.33 -7.36 6.65
C LEU C 101 0.28 -8.75 6.82
N ILE C 102 1.49 -8.94 6.31
CA ILE C 102 2.28 -10.16 6.54
C ILE C 102 3.43 -9.73 7.45
N HIS C 103 3.34 -10.04 8.74
CA HIS C 103 4.32 -9.58 9.72
C HIS C 103 5.13 -10.72 10.32
N GLY C 104 6.37 -10.89 9.85
CA GLY C 104 7.28 -11.93 10.32
C GLY C 104 6.72 -13.34 10.24
N ALA C 105 5.98 -13.61 9.16
CA ALA C 105 5.23 -14.84 8.99
C ALA C 105 5.75 -15.66 7.82
N LYS C 106 5.23 -16.88 7.70
CA LYS C 106 5.54 -17.77 6.59
C LYS C 106 4.26 -18.02 5.80
N ILE C 107 4.31 -17.81 4.48
CA ILE C 107 3.23 -18.19 3.59
C ILE C 107 3.83 -19.22 2.62
N ASN C 108 3.19 -20.38 2.50
CA ASN C 108 3.69 -21.46 1.63
C ASN C 108 3.19 -21.22 0.19
N ASP C 109 2.82 -22.27 -0.56
CA ASP C 109 2.46 -22.12 -1.98
C ASP C 109 0.94 -22.09 -2.18
N GLU C 110 0.51 -21.59 -3.34
CA GLU C 110 -0.91 -21.56 -3.76
C GLU C 110 -1.94 -21.25 -2.65
N SER C 111 -1.77 -20.10 -1.99
CA SER C 111 -2.70 -19.66 -0.94
C SER C 111 -3.22 -18.26 -1.20
N ILE C 112 -4.27 -17.89 -0.49
CA ILE C 112 -4.81 -16.54 -0.52
C ILE C 112 -4.82 -15.97 0.89
N VAL C 113 -4.16 -14.83 1.06
CA VAL C 113 -4.30 -14.02 2.26
C VAL C 113 -5.31 -12.94 1.89
N GLY C 114 -6.46 -12.97 2.54
CA GLY C 114 -7.57 -12.09 2.19
C GLY C 114 -7.30 -10.62 2.44
N ALA C 115 -8.11 -9.78 1.80
CA ALA C 115 -7.95 -8.34 1.88
C ALA C 115 -8.15 -7.84 3.30
N GLY C 116 -7.25 -6.96 3.74
CA GLY C 116 -7.33 -6.35 5.06
C GLY C 116 -6.96 -7.23 6.24
N SER C 117 -6.45 -8.44 5.97
CA SER C 117 -6.15 -9.41 7.04
C SER C 117 -4.71 -9.29 7.52
N ILE C 118 -4.46 -9.80 8.72
CA ILE C 118 -3.13 -9.79 9.35
C ILE C 118 -2.67 -11.23 9.56
N VAL C 119 -1.44 -11.52 9.14
CA VAL C 119 -0.76 -12.77 9.49
C VAL C 119 0.48 -12.35 10.29
N PHE C 120 0.42 -12.55 11.61
CA PHE C 120 1.39 -11.97 12.54
C PHE C 120 2.55 -12.93 12.86
N ASN C 121 3.29 -12.68 13.94
CA ASN C 121 4.68 -13.12 14.10
C ASN C 121 4.77 -14.64 14.22
N LYS C 122 5.66 -15.24 13.43
CA LYS C 122 5.92 -16.69 13.45
C LYS C 122 4.71 -17.55 13.06
N ALA C 123 3.67 -16.95 12.47
CA ALA C 123 2.49 -17.66 12.01
C ALA C 123 2.78 -18.29 10.65
N GLU C 124 1.94 -19.24 10.25
CA GLU C 124 2.15 -19.98 9.00
C GLU C 124 0.84 -20.23 8.27
N VAL C 125 0.79 -19.81 7.01
CA VAL C 125 -0.33 -20.08 6.13
C VAL C 125 0.09 -21.23 5.23
N LYS C 126 -0.51 -22.41 5.45
CA LYS C 126 -0.13 -23.62 4.71
C LYS C 126 -0.63 -23.58 3.27
N THR C 127 -0.07 -24.47 2.45
CA THR C 127 -0.41 -24.57 1.03
C THR C 127 -1.90 -24.87 0.82
N ASN C 128 -2.50 -24.23 -0.19
CA ASN C 128 -3.93 -24.39 -0.53
C ASN C 128 -4.86 -24.09 0.65
N SER C 129 -4.52 -23.05 1.41
CA SER C 129 -5.37 -22.56 2.49
C SER C 129 -5.78 -21.12 2.17
N MET C 130 -6.52 -20.49 3.08
CA MET C 130 -7.13 -19.21 2.78
C MET C 130 -7.44 -18.44 4.06
N VAL C 131 -6.92 -17.22 4.16
CA VAL C 131 -7.22 -16.34 5.30
C VAL C 131 -8.36 -15.43 4.86
N GLY C 132 -9.44 -15.42 5.64
CA GLY C 132 -10.60 -14.59 5.33
C GLY C 132 -10.34 -13.11 5.53
N MET C 133 -11.18 -12.30 4.91
CA MET C 133 -11.02 -10.84 4.91
C MET C 133 -11.16 -10.28 6.32
N GLY C 134 -10.24 -9.39 6.69
CA GLY C 134 -10.23 -8.78 8.02
C GLY C 134 -9.88 -9.71 9.17
N ALA C 135 -9.40 -10.92 8.86
CA ALA C 135 -9.03 -11.90 9.88
C ALA C 135 -7.67 -11.55 10.46
N VAL C 136 -7.41 -12.06 11.65
CA VAL C 136 -6.13 -11.84 12.32
C VAL C 136 -5.58 -13.18 12.78
N VAL C 137 -4.64 -13.70 12.02
CA VAL C 137 -3.93 -14.93 12.39
C VAL C 137 -2.89 -14.53 13.44
N LEU C 138 -3.06 -15.04 14.66
CA LEU C 138 -2.24 -14.66 15.82
C LEU C 138 -0.85 -15.29 15.80
N GLU C 139 -0.02 -14.87 16.75
CA GLU C 139 1.34 -15.39 16.94
C GLU C 139 1.39 -16.92 16.95
N LYS C 140 2.29 -17.47 16.14
CA LYS C 140 2.51 -18.93 16.03
C LYS C 140 1.27 -19.75 15.63
N GLN C 141 0.25 -19.11 15.06
CA GLN C 141 -0.96 -19.80 14.64
C GLN C 141 -0.75 -20.39 13.25
N GLU C 142 -1.18 -21.64 13.07
CA GLU C 142 -1.16 -22.29 11.75
C GLU C 142 -2.54 -22.14 11.11
N VAL C 143 -2.54 -21.81 9.82
CA VAL C 143 -3.75 -21.90 8.99
C VAL C 143 -3.57 -23.23 8.24
N PRO C 144 -4.37 -24.26 8.60
CA PRO C 144 -4.13 -25.60 8.03
C PRO C 144 -4.36 -25.75 6.53
N ASN C 145 -3.66 -26.70 5.93
CA ASN C 145 -3.82 -27.03 4.51
C ASN C 145 -5.27 -27.39 4.20
N GLY C 146 -5.78 -26.82 3.11
CA GLY C 146 -7.12 -27.10 2.62
C GLY C 146 -8.26 -26.32 3.26
N LYS C 147 -7.97 -25.54 4.31
CA LYS C 147 -9.02 -24.90 5.11
C LYS C 147 -9.02 -23.37 4.97
N ILE C 148 -10.11 -22.76 5.40
CA ILE C 148 -10.27 -21.29 5.40
C ILE C 148 -10.56 -20.82 6.83
N VAL C 149 -9.87 -19.75 7.24
CA VAL C 149 -10.00 -19.18 8.59
C VAL C 149 -10.63 -17.80 8.51
N VAL C 150 -11.36 -17.40 9.55
CA VAL C 150 -12.06 -16.11 9.59
C VAL C 150 -12.09 -15.49 10.99
N GLY C 151 -12.33 -14.19 11.04
CA GLY C 151 -12.56 -13.46 12.29
C GLY C 151 -11.32 -13.11 13.09
N ILE C 152 -11.56 -12.50 14.26
CA ILE C 152 -10.52 -12.03 15.17
C ILE C 152 -10.79 -12.61 16.57
N PRO C 153 -9.98 -13.57 17.04
CA PRO C 153 -8.87 -14.19 16.31
C PRO C 153 -9.34 -15.11 15.18
N ALA C 154 -8.38 -15.58 14.38
CA ALA C 154 -8.69 -16.42 13.22
C ALA C 154 -9.12 -17.82 13.68
N ARG C 155 -10.35 -18.19 13.29
CA ARG C 155 -10.94 -19.50 13.59
C ARG C 155 -11.21 -20.23 12.27
N VAL C 156 -10.93 -21.53 12.23
CA VAL C 156 -11.24 -22.34 11.05
C VAL C 156 -12.75 -22.36 10.85
N LEU C 157 -13.19 -22.02 9.63
CA LEU C 157 -14.60 -22.01 9.28
C LEU C 157 -15.00 -23.35 8.67
N ARG C 158 -14.33 -23.72 7.58
CA ARG C 158 -14.67 -24.92 6.81
C ARG C 158 -13.53 -25.37 5.92
N GLU C 159 -13.68 -26.56 5.32
CA GLU C 159 -12.76 -27.04 4.30
C GLU C 159 -13.05 -26.33 2.99
N LEU C 160 -12.00 -26.05 2.22
CA LEU C 160 -12.16 -25.49 0.87
C LEU C 160 -12.58 -26.62 -0.06
N GLU C 161 -13.51 -26.32 -0.95
CA GLU C 161 -13.97 -27.26 -1.95
C GLU C 161 -12.86 -27.37 -3.02
N GLU C 162 -12.82 -28.47 -3.75
CA GLU C 162 -11.74 -28.72 -4.71
C GLU C 162 -11.71 -27.69 -5.86
N ARG C 163 -12.87 -27.15 -6.24
CA ARG C 163 -12.95 -26.09 -7.25
C ARG C 163 -12.29 -24.80 -6.77
N GLU C 164 -12.58 -24.40 -5.52
CA GLU C 164 -12.00 -23.18 -4.92
C GLU C 164 -10.47 -23.20 -4.94
N ILE C 165 -9.87 -24.33 -4.59
CA ILE C 165 -8.41 -24.50 -4.58
C ILE C 165 -7.83 -24.38 -5.99
N LYS C 166 -8.50 -24.96 -6.98
CA LYS C 166 -8.09 -24.86 -8.38
C LYS C 166 -8.04 -23.40 -8.89
N GLN C 167 -8.94 -22.55 -8.39
CA GLN C 167 -9.00 -21.12 -8.78
C GLN C 167 -7.89 -20.25 -8.17
N ILE C 168 -7.19 -20.74 -7.14
CA ILE C 168 -6.11 -19.97 -6.51
C ILE C 168 -4.96 -19.79 -7.50
N LYS C 169 -4.54 -20.90 -8.12
CA LYS C 169 -3.51 -20.88 -9.16
C LYS C 169 -3.94 -20.03 -10.38
N LYS C 170 -5.22 -20.15 -10.76
CA LYS C 170 -5.74 -19.40 -11.90
C LYS C 170 -5.77 -17.90 -11.65
N GLN C 171 -6.14 -17.50 -10.42
CA GLN C 171 -6.11 -16.09 -10.04
C GLN C 171 -4.69 -15.53 -10.11
N ALA C 172 -3.73 -16.28 -9.57
CA ALA C 172 -2.30 -15.91 -9.63
C ALA C 172 -1.82 -15.68 -11.06
N ASP C 173 -2.19 -16.58 -11.98
CA ASP C 173 -1.87 -16.43 -13.41
C ASP C 173 -2.51 -15.20 -14.06
N THR C 174 -3.75 -14.90 -13.67
CA THR C 174 -4.49 -13.76 -14.21
C THR C 174 -3.82 -12.45 -13.82
N HIS C 175 -3.44 -12.34 -12.55
CA HIS C 175 -2.74 -11.15 -12.04
C HIS C 175 -1.28 -11.06 -12.54
N ALA C 176 -0.65 -12.21 -12.77
CA ALA C 176 0.68 -12.26 -13.40
C ALA C 176 0.63 -11.81 -14.86
N GLU C 177 -0.43 -12.19 -15.56
CA GLU C 177 -0.69 -11.73 -16.93
C GLU C 177 -0.99 -10.23 -16.96
N LEU C 178 -1.77 -9.75 -15.99
CA LEU C 178 -2.10 -8.32 -15.88
C LEU C 178 -0.82 -7.49 -15.70
N ALA C 179 0.03 -7.92 -14.77
CA ALA C 179 1.33 -7.27 -14.54
C ALA C 179 2.21 -7.24 -15.79
N GLU C 180 2.14 -8.32 -16.59
CA GLU C 180 2.84 -8.41 -17.87
C GLU C 180 2.45 -7.26 -18.81
N HIS C 181 1.14 -6.96 -18.87
CA HIS C 181 0.64 -5.85 -19.69
C HIS C 181 1.00 -4.46 -19.14
N TYR C 182 1.10 -4.33 -17.82
CA TYR C 182 1.63 -3.08 -17.21
C TYR C 182 3.08 -2.84 -17.61
N SER C 183 3.89 -3.90 -17.61
CA SER C 183 5.32 -3.78 -17.91
C SER C 183 5.63 -3.44 -19.37
N ARG C 184 4.68 -3.71 -20.28
CA ARG C 184 4.84 -3.34 -21.69
C ARG C 184 4.59 -1.86 -22.01
N GLU C 185 4.05 -1.10 -21.06
CA GLU C 185 3.72 0.32 -21.30
C GLU C 185 4.83 1.27 -20.82
N ILE C 186 5.32 1.06 -19.60
CA ILE C 186 6.48 1.81 -19.06
C ILE C 186 7.54 0.82 -18.58
N ARG D 9 -37.28 -7.43 -40.93
CA ARG D 9 -38.35 -6.44 -41.27
C ARG D 9 -38.60 -5.45 -40.13
N MET D 10 -38.66 -5.95 -38.89
CA MET D 10 -38.77 -5.10 -37.69
C MET D 10 -37.47 -5.08 -36.88
N ILE D 11 -36.46 -4.42 -37.46
CA ILE D 11 -35.25 -4.00 -36.76
C ILE D 11 -35.44 -2.50 -36.54
N GLN D 12 -35.60 -2.07 -35.29
CA GLN D 12 -36.01 -0.71 -34.97
C GLN D 12 -34.94 0.05 -34.19
N LYS D 13 -34.67 1.29 -34.61
CA LYS D 13 -33.87 2.22 -33.81
C LYS D 13 -34.67 2.67 -32.59
N PHE D 14 -33.94 3.01 -31.53
CA PHE D 14 -34.53 3.73 -30.41
C PHE D 14 -33.49 4.66 -29.80
N GLU D 15 -33.79 5.95 -29.83
CA GLU D 15 -33.00 6.97 -29.17
C GLU D 15 -31.59 7.05 -29.76
N GLY D 16 -31.50 6.89 -31.08
CA GLY D 16 -30.21 6.82 -31.78
C GLY D 16 -29.60 5.42 -31.92
N LYS D 17 -29.87 4.55 -30.94
CA LYS D 17 -29.25 3.21 -30.91
C LYS D 17 -29.91 2.27 -31.91
N LYS D 18 -29.09 1.69 -32.79
CA LYS D 18 -29.53 0.71 -33.78
C LYS D 18 -28.97 -0.67 -33.41
N PRO D 19 -29.77 -1.74 -33.58
CA PRO D 19 -29.23 -3.09 -33.38
C PRO D 19 -28.01 -3.42 -34.26
N GLU D 20 -26.97 -3.96 -33.65
CA GLU D 20 -25.79 -4.47 -34.34
C GLU D 20 -25.91 -5.97 -34.44
N ILE D 21 -26.28 -6.46 -35.62
CA ILE D 21 -26.55 -7.86 -35.85
C ILE D 21 -25.49 -8.40 -36.80
N HIS D 22 -24.76 -9.42 -36.36
CA HIS D 22 -23.71 -10.04 -37.18
C HIS D 22 -24.30 -10.58 -38.47
N GLU D 23 -23.50 -10.56 -39.53
CA GLU D 23 -23.95 -10.93 -40.87
C GLU D 23 -24.37 -12.42 -41.03
N THR D 24 -23.86 -13.29 -40.16
CA THR D 24 -24.21 -14.71 -40.13
C THR D 24 -25.33 -15.04 -39.14
N ALA D 25 -25.84 -14.04 -38.44
CA ALA D 25 -27.00 -14.22 -37.57
C ALA D 25 -28.26 -14.23 -38.43
N PHE D 26 -29.32 -14.87 -37.91
CA PHE D 26 -30.62 -14.91 -38.58
C PHE D 26 -31.69 -14.31 -37.68
N VAL D 27 -32.36 -13.26 -38.17
CA VAL D 27 -33.53 -12.70 -37.50
C VAL D 27 -34.73 -12.93 -38.40
N HIS D 28 -35.67 -13.73 -37.93
CA HIS D 28 -36.90 -13.99 -38.69
C HIS D 28 -37.68 -12.67 -38.83
N PRO D 29 -38.33 -12.45 -39.99
CA PRO D 29 -39.11 -11.21 -40.17
C PRO D 29 -40.17 -10.92 -39.10
N ARG D 30 -40.77 -11.96 -38.54
CA ARG D 30 -41.78 -11.83 -37.50
C ARG D 30 -41.23 -11.61 -36.08
N ALA D 31 -39.91 -11.67 -35.91
CA ALA D 31 -39.26 -11.24 -34.67
C ALA D 31 -39.19 -9.70 -34.64
N THR D 32 -39.05 -9.15 -33.43
CA THR D 32 -38.93 -7.71 -33.21
C THR D 32 -37.66 -7.43 -32.43
N ILE D 33 -36.74 -6.67 -33.02
CA ILE D 33 -35.48 -6.27 -32.39
C ILE D 33 -35.45 -4.75 -32.30
N ILE D 34 -35.33 -4.22 -31.08
CA ILE D 34 -35.41 -2.77 -30.87
C ILE D 34 -34.20 -2.25 -30.10
N GLY D 35 -33.53 -1.24 -30.65
CA GLY D 35 -32.60 -0.41 -29.89
C GLY D 35 -31.21 -0.97 -29.71
N ASP D 36 -30.68 -0.87 -28.49
CA ASP D 36 -29.28 -1.16 -28.20
C ASP D 36 -29.05 -2.67 -28.03
N VAL D 37 -29.19 -3.39 -29.14
CA VAL D 37 -29.08 -4.85 -29.16
C VAL D 37 -27.79 -5.24 -29.88
N GLU D 38 -27.08 -6.21 -29.34
CA GLU D 38 -25.90 -6.77 -29.98
C GLU D 38 -26.09 -8.28 -30.14
N ILE D 39 -26.15 -8.75 -31.39
CA ILE D 39 -26.32 -10.17 -31.69
C ILE D 39 -25.08 -10.71 -32.42
N GLY D 40 -24.45 -11.73 -31.84
CA GLY D 40 -23.24 -12.33 -32.38
C GLY D 40 -23.46 -13.31 -33.52
N PRO D 41 -22.37 -13.84 -34.11
CA PRO D 41 -22.45 -14.71 -35.28
C PRO D 41 -23.22 -16.01 -35.04
N LYS D 42 -23.94 -16.47 -36.08
CA LYS D 42 -24.70 -17.72 -36.06
C LYS D 42 -25.90 -17.77 -35.09
N THR D 43 -26.25 -16.64 -34.48
CA THR D 43 -27.35 -16.58 -33.52
C THR D 43 -28.64 -16.43 -34.32
N SER D 44 -29.71 -17.10 -33.85
CA SER D 44 -31.00 -17.07 -34.54
C SER D 44 -32.09 -16.51 -33.63
N VAL D 45 -32.95 -15.68 -34.19
CA VAL D 45 -34.13 -15.15 -33.49
C VAL D 45 -35.37 -15.54 -34.29
N TRP D 46 -36.35 -16.13 -33.60
CA TRP D 46 -37.46 -16.84 -34.24
C TRP D 46 -38.78 -16.07 -34.10
N PRO D 47 -39.81 -16.44 -34.90
CA PRO D 47 -41.05 -15.65 -34.96
C PRO D 47 -41.64 -15.27 -33.60
N GLY D 48 -42.03 -14.02 -33.45
CA GLY D 48 -42.69 -13.53 -32.24
C GLY D 48 -41.77 -13.17 -31.09
N ALA D 49 -40.49 -13.49 -31.21
CA ALA D 49 -39.50 -13.11 -30.21
C ALA D 49 -39.37 -11.58 -30.21
N VAL D 50 -39.25 -11.02 -29.02
CA VAL D 50 -39.11 -9.58 -28.84
C VAL D 50 -37.84 -9.34 -28.05
N ILE D 51 -36.90 -8.63 -28.67
CA ILE D 51 -35.63 -8.29 -28.06
C ILE D 51 -35.61 -6.76 -28.03
N ARG D 52 -36.04 -6.20 -26.90
CA ARG D 52 -36.30 -4.77 -26.76
C ARG D 52 -35.28 -4.13 -25.82
N ALA D 53 -34.22 -3.60 -26.40
CA ALA D 53 -33.16 -2.94 -25.61
C ALA D 53 -33.35 -1.43 -25.65
N ASP D 54 -34.34 -0.96 -24.89
CA ASP D 54 -34.70 0.47 -24.88
C ASP D 54 -34.26 1.21 -23.62
N ILE D 55 -34.47 0.60 -22.46
CA ILE D 55 -34.04 1.18 -21.17
C ILE D 55 -32.62 0.77 -20.74
N GLU D 56 -32.04 -0.22 -21.43
CA GLU D 56 -30.64 -0.63 -21.27
C GLU D 56 -30.22 -1.55 -22.44
N LYS D 57 -28.98 -2.00 -22.42
CA LYS D 57 -28.42 -2.83 -23.48
C LYS D 57 -28.87 -4.28 -23.34
N ILE D 58 -28.97 -4.96 -24.48
CA ILE D 58 -29.09 -6.42 -24.54
C ILE D 58 -27.95 -6.94 -25.42
N THR D 59 -27.10 -7.77 -24.86
CA THR D 59 -25.99 -8.38 -25.60
C THR D 59 -26.22 -9.89 -25.68
N ILE D 60 -26.14 -10.44 -26.89
CA ILE D 60 -26.32 -11.87 -27.15
C ILE D 60 -25.10 -12.37 -27.93
N GLY D 61 -24.56 -13.51 -27.50
CA GLY D 61 -23.33 -14.06 -28.03
C GLY D 61 -23.50 -14.81 -29.33
N LYS D 62 -22.63 -15.79 -29.57
CA LYS D 62 -22.63 -16.56 -30.81
C LYS D 62 -23.29 -17.92 -30.66
N ASN D 63 -23.91 -18.39 -31.75
CA ASN D 63 -24.48 -19.73 -31.84
C ASN D 63 -25.61 -19.98 -30.82
N THR D 64 -26.29 -18.90 -30.42
CA THR D 64 -27.38 -18.96 -29.45
C THR D 64 -28.70 -18.81 -30.21
N CYS D 65 -29.75 -19.45 -29.70
CA CYS D 65 -31.08 -19.44 -30.31
CA CYS D 65 -31.07 -19.37 -30.34
C CYS D 65 -32.14 -18.82 -29.38
N ILE D 66 -32.80 -17.76 -29.83
CA ILE D 66 -33.91 -17.14 -29.10
C ILE D 66 -35.18 -17.62 -29.80
N LYS D 67 -35.84 -18.62 -29.20
CA LYS D 67 -36.96 -19.32 -29.83
C LYS D 67 -38.27 -18.50 -29.80
N ASP D 68 -39.36 -19.06 -30.33
CA ASP D 68 -40.57 -18.30 -30.66
C ASP D 68 -41.28 -17.71 -29.45
N ASN D 69 -41.79 -16.48 -29.61
CA ASN D 69 -42.49 -15.73 -28.55
C ASN D 69 -41.68 -15.45 -27.27
N ALA D 70 -40.36 -15.61 -27.32
CA ALA D 70 -39.50 -15.31 -26.18
C ALA D 70 -39.38 -13.81 -26.05
N VAL D 71 -39.28 -13.32 -24.83
CA VAL D 71 -39.17 -11.88 -24.59
C VAL D 71 -37.87 -11.62 -23.85
N ILE D 72 -37.10 -10.66 -24.35
CA ILE D 72 -35.87 -10.23 -23.71
C ILE D 72 -35.97 -8.72 -23.51
N HIS D 73 -35.94 -8.30 -22.25
CA HIS D 73 -36.07 -6.90 -21.88
C HIS D 73 -35.17 -6.61 -20.67
N PRO D 74 -34.42 -5.49 -20.69
CA PRO D 74 -33.68 -5.11 -19.49
C PRO D 74 -34.61 -4.75 -18.33
N ALA D 75 -34.09 -4.80 -17.11
CA ALA D 75 -34.90 -4.56 -15.92
C ALA D 75 -34.90 -3.10 -15.50
N ASP D 76 -36.01 -2.68 -14.92
CA ASP D 76 -36.14 -1.39 -14.24
C ASP D 76 -36.36 -1.72 -12.76
N VAL D 77 -35.52 -1.15 -11.89
CA VAL D 77 -35.49 -1.50 -10.47
C VAL D 77 -35.79 -0.27 -9.61
N TYR D 78 -36.65 -0.45 -8.61
CA TYR D 78 -37.22 0.65 -7.84
C TYR D 78 -36.95 0.55 -6.33
N HIS D 79 -35.94 -0.22 -5.93
CA HIS D 79 -35.59 -0.33 -4.51
C HIS D 79 -34.83 0.89 -3.95
N GLU D 80 -34.45 1.81 -4.84
CA GLU D 80 -33.95 3.15 -4.48
C GLU D 80 -34.83 4.21 -5.13
N GLU D 81 -34.80 5.43 -4.59
CA GLU D 81 -35.53 6.55 -5.18
C GLU D 81 -35.03 6.88 -6.58
N GLU D 82 -33.72 6.78 -6.77
CA GLU D 82 -33.16 6.80 -8.12
C GLU D 82 -33.43 5.44 -8.75
N ILE D 83 -34.05 5.46 -9.94
CA ILE D 83 -34.38 4.24 -10.67
C ILE D 83 -33.10 3.67 -11.27
N GLU D 84 -32.96 2.35 -11.20
CA GLU D 84 -31.79 1.64 -11.71
C GLU D 84 -32.20 0.70 -12.83
N TYR D 85 -31.31 0.58 -13.82
CA TYR D 85 -31.58 -0.19 -15.03
C TYR D 85 -30.53 -1.28 -15.21
N VAL D 86 -30.96 -2.53 -15.28
CA VAL D 86 -30.06 -3.68 -15.39
C VAL D 86 -30.12 -4.25 -16.81
N PRO D 87 -28.96 -4.33 -17.51
CA PRO D 87 -28.96 -4.90 -18.87
C PRO D 87 -29.06 -6.42 -18.88
N VAL D 88 -29.26 -6.96 -20.08
CA VAL D 88 -29.28 -8.41 -20.32
C VAL D 88 -27.99 -8.81 -21.03
N LYS D 89 -27.37 -9.88 -20.55
CA LYS D 89 -26.22 -10.49 -21.21
C LYS D 89 -26.50 -11.98 -21.40
N ILE D 90 -26.48 -12.44 -22.65
CA ILE D 90 -26.65 -13.85 -22.98
C ILE D 90 -25.41 -14.31 -23.74
N GLY D 91 -24.80 -15.40 -23.27
CA GLY D 91 -23.53 -15.89 -23.84
C GLY D 91 -23.68 -16.72 -25.10
N ASP D 92 -22.73 -17.63 -25.29
CA ASP D 92 -22.64 -18.47 -26.50
C ASP D 92 -23.29 -19.83 -26.31
N ASN D 93 -23.75 -20.41 -27.42
CA ASN D 93 -24.27 -21.79 -27.48
C ASN D 93 -25.47 -22.03 -26.55
N ASN D 94 -26.31 -21.01 -26.37
CA ASN D 94 -27.47 -21.11 -25.49
C ASN D 94 -28.75 -21.41 -26.25
N ILE D 95 -29.68 -22.05 -25.56
CA ILE D 95 -31.06 -22.19 -26.03
C ILE D 95 -31.94 -21.36 -25.10
N ILE D 96 -32.54 -20.31 -25.63
CA ILE D 96 -33.58 -19.58 -24.93
C ILE D 96 -34.89 -20.11 -25.49
N GLY D 97 -35.60 -20.91 -24.68
CA GLY D 97 -36.73 -21.70 -25.14
C GLY D 97 -37.96 -20.94 -25.60
N HIS D 98 -38.89 -21.68 -26.23
CA HIS D 98 -40.16 -21.12 -26.72
C HIS D 98 -40.86 -20.40 -25.58
N ARG D 99 -41.18 -19.12 -25.77
CA ARG D 99 -41.95 -18.32 -24.81
C ARG D 99 -41.24 -18.02 -23.48
N ALA D 100 -39.91 -18.15 -23.43
CA ALA D 100 -39.18 -17.84 -22.20
C ALA D 100 -39.03 -16.33 -22.05
N LEU D 101 -38.84 -15.88 -20.81
CA LEU D 101 -38.58 -14.46 -20.51
C LEU D 101 -37.22 -14.31 -19.87
N ILE D 102 -36.36 -13.47 -20.47
CA ILE D 102 -35.09 -13.10 -19.88
C ILE D 102 -35.22 -11.64 -19.50
N HIS D 103 -35.19 -11.35 -18.20
CA HIS D 103 -35.46 -9.99 -17.70
C HIS D 103 -34.32 -9.46 -16.83
N GLY D 104 -33.52 -8.53 -17.38
CA GLY D 104 -32.36 -7.96 -16.69
C GLY D 104 -31.43 -9.00 -16.07
N ALA D 105 -31.18 -10.08 -16.82
CA ALA D 105 -30.51 -11.27 -16.28
C ALA D 105 -29.31 -11.64 -17.13
N LYS D 106 -28.49 -12.54 -16.58
CA LYS D 106 -27.29 -13.00 -17.24
C LYS D 106 -27.34 -14.51 -17.47
N ILE D 107 -27.35 -14.91 -18.74
CA ILE D 107 -27.26 -16.31 -19.12
C ILE D 107 -25.84 -16.49 -19.63
N ASN D 108 -25.11 -17.47 -19.09
CA ASN D 108 -23.71 -17.66 -19.46
C ASN D 108 -23.61 -18.53 -20.74
N ASP D 109 -22.80 -19.59 -20.77
CA ASP D 109 -22.62 -20.39 -22.00
C ASP D 109 -23.25 -21.76 -21.91
N GLU D 110 -23.51 -22.36 -23.06
CA GLU D 110 -24.02 -23.74 -23.16
C GLU D 110 -25.05 -24.06 -22.07
N SER D 111 -26.16 -23.33 -22.10
CA SER D 111 -27.25 -23.57 -21.15
C SER D 111 -28.59 -23.50 -21.85
N ILE D 112 -29.57 -24.16 -21.23
CA ILE D 112 -30.93 -24.19 -21.75
C ILE D 112 -31.82 -23.44 -20.77
N VAL D 113 -32.45 -22.38 -21.25
CA VAL D 113 -33.55 -21.74 -20.54
C VAL D 113 -34.81 -22.38 -21.12
N GLY D 114 -35.46 -23.22 -20.33
CA GLY D 114 -36.58 -24.02 -20.80
C GLY D 114 -37.79 -23.22 -21.25
N ALA D 115 -38.62 -23.86 -22.05
CA ALA D 115 -39.78 -23.20 -22.65
C ALA D 115 -40.70 -22.62 -21.58
N GLY D 116 -41.14 -21.38 -21.81
CA GLY D 116 -42.05 -20.69 -20.91
C GLY D 116 -41.51 -20.26 -19.56
N SER D 117 -40.20 -20.43 -19.31
CA SER D 117 -39.64 -20.12 -18.01
C SER D 117 -39.36 -18.62 -17.89
N ILE D 118 -39.04 -18.18 -16.68
CA ILE D 118 -38.65 -16.79 -16.41
C ILE D 118 -37.31 -16.78 -15.69
N VAL D 119 -36.39 -15.96 -16.19
CA VAL D 119 -35.14 -15.64 -15.51
C VAL D 119 -35.19 -14.14 -15.25
N PHE D 120 -35.35 -13.78 -13.98
CA PHE D 120 -35.70 -12.40 -13.61
C PHE D 120 -34.49 -11.56 -13.16
N ASN D 121 -34.75 -10.29 -12.89
CA ASN D 121 -33.76 -9.25 -12.53
C ASN D 121 -32.55 -9.70 -11.73
N LYS D 122 -31.36 -9.44 -12.29
CA LYS D 122 -30.06 -9.76 -11.65
C LYS D 122 -29.79 -11.25 -11.43
N ALA D 123 -30.63 -12.15 -11.95
CA ALA D 123 -30.42 -13.59 -11.82
C ALA D 123 -29.32 -14.01 -12.77
N GLU D 124 -28.71 -15.14 -12.47
CA GLU D 124 -27.65 -15.68 -13.30
C GLU D 124 -27.82 -17.17 -13.55
N VAL D 125 -27.88 -17.53 -14.83
CA VAL D 125 -27.92 -18.92 -15.24
C VAL D 125 -26.50 -19.26 -15.66
N LYS D 126 -25.83 -20.05 -14.82
CA LYS D 126 -24.44 -20.42 -15.05
C LYS D 126 -24.32 -21.46 -16.15
N THR D 127 -23.08 -21.59 -16.63
CA THR D 127 -22.73 -22.48 -17.75
C THR D 127 -23.09 -23.94 -17.47
N ASN D 128 -23.54 -24.64 -18.52
CA ASN D 128 -23.95 -26.05 -18.45
C ASN D 128 -25.04 -26.28 -17.39
N SER D 129 -26.06 -25.43 -17.40
CA SER D 129 -27.21 -25.61 -16.53
C SER D 129 -28.50 -25.51 -17.33
N MET D 130 -29.59 -25.91 -16.69
CA MET D 130 -30.91 -25.93 -17.30
C MET D 130 -31.94 -25.28 -16.39
N VAL D 131 -32.71 -24.34 -16.94
CA VAL D 131 -33.91 -23.86 -16.29
C VAL D 131 -35.05 -24.73 -16.82
N GLY D 132 -35.77 -25.39 -15.92
CA GLY D 132 -36.88 -26.26 -16.31
C GLY D 132 -38.03 -25.49 -16.91
N MET D 133 -38.89 -26.21 -17.63
CA MET D 133 -40.02 -25.59 -18.34
C MET D 133 -41.02 -25.00 -17.35
N GLY D 134 -41.39 -23.75 -17.59
CA GLY D 134 -42.30 -23.02 -16.72
C GLY D 134 -41.75 -22.64 -15.35
N ALA D 135 -40.45 -22.76 -15.15
CA ALA D 135 -39.81 -22.41 -13.88
C ALA D 135 -39.65 -20.90 -13.80
N VAL D 136 -39.55 -20.39 -12.58
CA VAL D 136 -39.35 -18.97 -12.35
C VAL D 136 -38.10 -18.81 -11.48
N VAL D 137 -37.01 -18.36 -12.11
CA VAL D 137 -35.77 -18.06 -11.41
C VAL D 137 -35.92 -16.64 -10.88
N LEU D 138 -35.92 -16.50 -9.56
CA LEU D 138 -36.23 -15.23 -8.89
C LEU D 138 -35.11 -14.20 -9.01
N GLU D 139 -35.40 -12.98 -8.55
CA GLU D 139 -34.42 -11.91 -8.36
C GLU D 139 -33.11 -12.40 -7.76
N LYS D 140 -32.00 -12.07 -8.43
CA LYS D 140 -30.65 -12.37 -7.95
C LYS D 140 -30.34 -13.86 -7.74
N GLN D 141 -31.21 -14.76 -8.21
CA GLN D 141 -31.04 -16.18 -7.98
C GLN D 141 -29.99 -16.70 -8.94
N GLU D 142 -29.15 -17.60 -8.45
CA GLU D 142 -28.10 -18.20 -9.24
C GLU D 142 -28.44 -19.67 -9.53
N VAL D 143 -28.55 -20.02 -10.81
CA VAL D 143 -28.76 -21.41 -11.21
C VAL D 143 -27.37 -22.04 -11.32
N PRO D 144 -27.05 -23.03 -10.46
CA PRO D 144 -25.66 -23.53 -10.41
C PRO D 144 -25.23 -24.35 -11.63
N ASN D 145 -23.92 -24.47 -11.82
CA ASN D 145 -23.33 -25.30 -12.88
C ASN D 145 -23.79 -26.74 -12.79
N GLY D 146 -24.01 -27.35 -13.95
CA GLY D 146 -24.30 -28.79 -14.03
C GLY D 146 -25.60 -29.23 -13.39
N LYS D 147 -26.52 -28.30 -13.17
CA LYS D 147 -27.76 -28.60 -12.45
C LYS D 147 -28.98 -28.11 -13.21
N ILE D 148 -30.11 -28.72 -12.90
CA ILE D 148 -31.40 -28.35 -13.46
C ILE D 148 -32.29 -27.86 -12.32
N VAL D 149 -32.91 -26.71 -12.50
CA VAL D 149 -33.83 -26.13 -11.52
C VAL D 149 -35.26 -26.18 -12.07
N VAL D 150 -36.23 -26.36 -11.17
CA VAL D 150 -37.63 -26.56 -11.57
C VAL D 150 -38.62 -25.86 -10.63
N GLY D 151 -39.79 -25.53 -11.18
CA GLY D 151 -40.90 -25.00 -10.41
C GLY D 151 -40.86 -23.50 -10.14
N ILE D 152 -41.77 -23.08 -9.27
CA ILE D 152 -42.02 -21.66 -8.96
C ILE D 152 -42.07 -21.53 -7.43
N PRO D 153 -41.05 -20.96 -6.78
CA PRO D 153 -39.80 -20.51 -7.42
C PRO D 153 -38.92 -21.70 -7.85
N ALA D 154 -37.92 -21.41 -8.68
CA ALA D 154 -37.02 -22.44 -9.21
C ALA D 154 -36.12 -22.98 -8.10
N ARG D 155 -36.15 -24.30 -7.92
CA ARG D 155 -35.29 -24.99 -6.96
C ARG D 155 -34.60 -26.18 -7.65
N VAL D 156 -33.42 -26.53 -7.16
CA VAL D 156 -32.58 -27.56 -7.78
C VAL D 156 -33.26 -28.93 -7.67
N LEU D 157 -33.35 -29.62 -8.80
CA LEU D 157 -33.95 -30.95 -8.88
C LEU D 157 -32.86 -32.01 -8.81
N ARG D 158 -31.89 -31.92 -9.71
CA ARG D 158 -30.82 -32.93 -9.80
C ARG D 158 -29.65 -32.42 -10.60
N GLU D 159 -28.54 -33.16 -10.56
CA GLU D 159 -27.40 -32.91 -11.42
C GLU D 159 -27.73 -33.39 -12.82
N LEU D 160 -27.28 -32.64 -13.82
CA LEU D 160 -27.35 -33.07 -15.20
C LEU D 160 -26.29 -34.15 -15.40
N GLU D 161 -26.63 -35.17 -16.17
CA GLU D 161 -25.66 -36.20 -16.57
C GLU D 161 -24.68 -35.57 -17.57
N GLU D 162 -23.48 -36.12 -17.65
CA GLU D 162 -22.45 -35.62 -18.58
C GLU D 162 -22.92 -35.68 -20.05
N ARG D 163 -23.73 -36.68 -20.38
CA ARG D 163 -24.29 -36.79 -21.73
C ARG D 163 -25.34 -35.71 -22.00
N GLU D 164 -26.17 -35.40 -21.01
CA GLU D 164 -27.18 -34.32 -21.12
C GLU D 164 -26.54 -32.95 -21.40
N ILE D 165 -25.50 -32.62 -20.65
CA ILE D 165 -24.72 -31.39 -20.85
C ILE D 165 -24.18 -31.32 -22.28
N LYS D 166 -23.64 -32.43 -22.77
CA LYS D 166 -23.00 -32.48 -24.08
C LYS D 166 -23.96 -32.25 -25.25
N GLN D 167 -25.25 -32.57 -25.05
CA GLN D 167 -26.28 -32.33 -26.06
C GLN D 167 -26.68 -30.85 -26.19
N ILE D 168 -26.30 -30.01 -25.23
CA ILE D 168 -26.66 -28.59 -25.27
C ILE D 168 -25.99 -27.92 -26.46
N LYS D 169 -24.68 -28.11 -26.59
CA LYS D 169 -23.91 -27.60 -27.73
C LYS D 169 -24.45 -28.15 -29.05
N LYS D 170 -24.74 -29.44 -29.07
CA LYS D 170 -25.25 -30.10 -30.27
C LYS D 170 -26.60 -29.54 -30.71
N GLN D 171 -27.49 -29.28 -29.73
CA GLN D 171 -28.78 -28.63 -30.00
C GLN D 171 -28.58 -27.21 -30.55
N ALA D 172 -27.70 -26.44 -29.92
CA ALA D 172 -27.32 -25.11 -30.41
C ALA D 172 -26.85 -25.17 -31.87
N ASP D 173 -25.98 -26.13 -32.18
CA ASP D 173 -25.49 -26.34 -33.54
C ASP D 173 -26.61 -26.72 -34.52
N THR D 174 -27.55 -27.55 -34.07
CA THR D 174 -28.67 -27.98 -34.91
C THR D 174 -29.58 -26.80 -35.30
N HIS D 175 -29.83 -25.91 -34.34
CA HIS D 175 -30.69 -24.74 -34.57
C HIS D 175 -30.01 -23.63 -35.37
N ALA D 176 -28.69 -23.51 -35.24
CA ALA D 176 -27.90 -22.61 -36.08
C ALA D 176 -27.89 -23.08 -37.54
N GLU D 177 -27.71 -24.37 -37.75
CA GLU D 177 -27.79 -24.99 -39.07
C GLU D 177 -29.19 -24.78 -39.67
N LEU D 178 -30.23 -24.97 -38.85
CA LEU D 178 -31.61 -24.71 -39.27
C LEU D 178 -31.79 -23.27 -39.75
N ALA D 179 -31.27 -22.33 -38.97
CA ALA D 179 -31.32 -20.89 -39.29
C ALA D 179 -30.59 -20.55 -40.60
N GLU D 180 -29.49 -21.23 -40.86
CA GLU D 180 -28.75 -21.08 -42.12
C GLU D 180 -29.61 -21.48 -43.32
N HIS D 181 -30.40 -22.53 -43.19
CA HIS D 181 -31.32 -22.95 -44.25
C HIS D 181 -32.45 -21.96 -44.48
N TYR D 182 -32.95 -21.33 -43.42
CA TYR D 182 -33.90 -20.20 -43.56
C TYR D 182 -33.26 -19.02 -44.29
N SER D 183 -31.99 -18.73 -43.99
CA SER D 183 -31.23 -17.65 -44.64
C SER D 183 -31.15 -17.76 -46.16
N ARG D 184 -31.12 -18.99 -46.66
CA ARG D 184 -31.04 -19.25 -48.10
C ARG D 184 -32.37 -19.13 -48.88
N GLU D 185 -33.46 -18.77 -48.20
CA GLU D 185 -34.76 -18.56 -48.85
C GLU D 185 -35.31 -17.14 -48.63
N ILE D 186 -34.40 -16.16 -48.49
CA ILE D 186 -34.74 -14.77 -48.12
C ILE D 186 -35.47 -14.71 -46.78
N ARG E 9 29.99 15.33 -1.39
CA ARG E 9 29.35 15.59 -2.71
C ARG E 9 30.36 15.50 -3.87
N MET E 10 31.57 16.02 -3.64
CA MET E 10 32.73 15.70 -4.48
C MET E 10 33.51 14.55 -3.83
N ILE E 11 33.04 13.33 -4.09
CA ILE E 11 33.68 12.10 -3.64
C ILE E 11 34.05 11.35 -4.90
N GLN E 12 35.31 11.51 -5.33
CA GLN E 12 35.76 11.10 -6.66
C GLN E 12 36.45 9.73 -6.62
N LYS E 13 36.24 8.93 -7.65
CA LYS E 13 36.99 7.69 -7.84
C LYS E 13 38.32 7.99 -8.53
N PHE E 14 39.29 7.10 -8.34
CA PHE E 14 40.54 7.15 -9.09
C PHE E 14 41.13 5.75 -9.27
N GLU E 15 41.38 5.36 -10.52
CA GLU E 15 41.78 4.01 -10.91
C GLU E 15 40.91 2.91 -10.28
N GLY E 16 39.61 3.16 -10.21
CA GLY E 16 38.67 2.23 -9.58
C GLY E 16 38.54 2.28 -8.06
N LYS E 17 39.46 2.96 -7.37
CA LYS E 17 39.38 3.11 -5.91
C LYS E 17 38.36 4.21 -5.60
N LYS E 18 37.34 3.86 -4.82
CA LYS E 18 36.39 4.86 -4.29
C LYS E 18 36.63 5.02 -2.78
N PRO E 19 36.43 6.25 -2.25
CA PRO E 19 36.52 6.45 -0.80
C PRO E 19 35.54 5.60 0.03
N GLU E 20 36.08 4.88 1.01
CA GLU E 20 35.27 4.17 2.01
C GLU E 20 35.04 5.12 3.19
N ILE E 21 33.87 5.75 3.20
CA ILE E 21 33.52 6.73 4.23
C ILE E 21 32.45 6.12 5.14
N HIS E 22 32.77 5.99 6.43
CA HIS E 22 31.83 5.48 7.42
C HIS E 22 30.56 6.33 7.46
N GLU E 23 29.43 5.69 7.75
CA GLU E 23 28.12 6.34 7.70
C GLU E 23 27.90 7.45 8.73
N THR E 24 28.55 7.36 9.89
CA THR E 24 28.53 8.42 10.91
C THR E 24 29.55 9.55 10.68
N ALA E 25 30.44 9.38 9.70
CA ALA E 25 31.37 10.45 9.29
C ALA E 25 30.60 11.54 8.57
N PHE E 26 31.16 12.75 8.56
CA PHE E 26 30.57 13.89 7.86
C PHE E 26 31.60 14.49 6.91
N VAL E 27 31.21 14.62 5.64
CA VAL E 27 32.04 15.29 4.65
C VAL E 27 31.22 16.45 4.12
N HIS E 28 31.69 17.67 4.35
CA HIS E 28 31.02 18.85 3.82
C HIS E 28 31.06 18.83 2.30
N PRO E 29 29.95 19.22 1.62
CA PRO E 29 29.94 19.17 0.15
C PRO E 29 31.11 19.91 -0.55
N ARG E 30 31.56 21.01 0.05
CA ARG E 30 32.72 21.76 -0.44
C ARG E 30 34.11 21.15 -0.14
N ALA E 31 34.16 20.02 0.59
CA ALA E 31 35.39 19.22 0.68
C ALA E 31 35.55 18.35 -0.57
N THR E 32 36.78 17.88 -0.80
CA THR E 32 37.13 17.09 -1.97
C THR E 32 37.86 15.83 -1.50
N ILE E 33 37.23 14.66 -1.73
CA ILE E 33 37.82 13.37 -1.34
C ILE E 33 38.01 12.58 -2.63
N ILE E 34 39.22 12.08 -2.87
CA ILE E 34 39.57 11.42 -4.13
C ILE E 34 40.28 10.10 -3.84
N GLY E 35 39.80 9.02 -4.47
CA GLY E 35 40.55 7.76 -4.55
C GLY E 35 40.53 6.90 -3.31
N ASP E 36 41.70 6.35 -2.99
CA ASP E 36 41.87 5.31 -1.97
C ASP E 36 41.89 5.93 -0.57
N VAL E 37 40.74 6.45 -0.16
CA VAL E 37 40.57 7.11 1.15
C VAL E 37 39.74 6.23 2.07
N GLU E 38 40.14 6.12 3.33
CA GLU E 38 39.36 5.47 4.38
C GLU E 38 39.09 6.49 5.47
N ILE E 39 37.81 6.70 5.80
CA ILE E 39 37.42 7.62 6.85
C ILE E 39 36.54 6.87 7.86
N GLY E 40 36.97 6.88 9.13
CA GLY E 40 36.31 6.14 10.19
C GLY E 40 35.15 6.90 10.82
N PRO E 41 34.44 6.25 11.77
CA PRO E 41 33.24 6.81 12.40
C PRO E 41 33.43 8.18 13.04
N LYS E 42 32.41 9.03 12.94
CA LYS E 42 32.39 10.34 13.60
C LYS E 42 33.42 11.37 13.09
N THR E 43 34.24 11.00 12.10
CA THR E 43 35.28 11.89 11.57
C THR E 43 34.61 12.94 10.68
N SER E 44 35.06 14.19 10.78
CA SER E 44 34.49 15.28 9.99
C SER E 44 35.51 15.92 9.07
N VAL E 45 35.06 16.31 7.87
CA VAL E 45 35.89 16.94 6.85
C VAL E 45 35.16 18.21 6.40
N TRP E 46 35.85 19.34 6.48
CA TRP E 46 35.21 20.67 6.43
C TRP E 46 35.49 21.38 5.10
N PRO E 47 34.80 22.51 4.83
CA PRO E 47 34.89 23.18 3.53
C PRO E 47 36.31 23.45 3.04
N GLY E 48 36.57 23.14 1.78
CA GLY E 48 37.85 23.40 1.13
C GLY E 48 38.93 22.37 1.39
N ALA E 49 38.68 21.42 2.29
CA ALA E 49 39.65 20.38 2.60
C ALA E 49 39.79 19.45 1.40
N VAL E 50 41.03 19.07 1.09
CA VAL E 50 41.34 18.18 0.00
C VAL E 50 42.04 16.95 0.57
N ILE E 51 41.44 15.79 0.35
CA ILE E 51 41.99 14.50 0.79
C ILE E 51 42.16 13.67 -0.48
N ARG E 52 43.32 13.79 -1.10
CA ARG E 52 43.59 13.25 -2.43
C ARG E 52 44.47 12.01 -2.33
N ALA E 53 43.84 10.83 -2.34
CA ALA E 53 44.56 9.57 -2.20
C ALA E 53 44.67 8.89 -3.55
N ASP E 54 45.50 9.49 -4.42
CA ASP E 54 45.64 9.04 -5.81
C ASP E 54 46.91 8.22 -6.05
N ILE E 55 48.05 8.73 -5.58
CA ILE E 55 49.33 8.03 -5.75
C ILE E 55 49.61 6.98 -4.66
N GLU E 56 48.79 6.96 -3.60
CA GLU E 56 48.89 5.96 -2.52
C GLU E 56 47.69 6.21 -1.56
N LYS E 57 47.51 5.36 -0.55
CA LYS E 57 46.36 5.42 0.36
C LYS E 57 46.41 6.55 1.40
N ILE E 58 45.23 7.04 1.78
CA ILE E 58 45.05 7.89 2.97
C ILE E 58 44.07 7.19 3.89
N THR E 59 44.49 6.92 5.13
CA THR E 59 43.63 6.29 6.13
C THR E 59 43.46 7.27 7.29
N ILE E 60 42.19 7.57 7.61
CA ILE E 60 41.85 8.47 8.72
C ILE E 60 40.94 7.70 9.67
N GLY E 61 41.23 7.82 10.97
CA GLY E 61 40.55 7.04 12.00
C GLY E 61 39.19 7.57 12.38
N LYS E 62 38.82 7.38 13.64
CA LYS E 62 37.51 7.78 14.15
C LYS E 62 37.62 9.08 14.97
N ASN E 63 36.54 9.87 14.95
CA ASN E 63 36.41 11.07 15.78
C ASN E 63 37.47 12.16 15.50
N THR E 64 38.04 12.15 14.31
CA THR E 64 39.09 13.08 13.89
C THR E 64 38.43 14.17 13.05
N CYS E 65 38.94 15.40 13.14
CA CYS E 65 38.43 16.54 12.39
CA CYS E 65 38.41 16.51 12.33
C CYS E 65 39.48 17.08 11.42
N ILE E 66 39.16 17.13 10.13
CA ILE E 66 40.02 17.69 9.10
C ILE E 66 39.43 19.06 8.76
N LYS E 67 39.98 20.12 9.36
CA LYS E 67 39.41 21.47 9.28
C LYS E 67 39.62 22.14 7.90
N ASP E 68 39.09 23.36 7.76
CA ASP E 68 38.88 23.99 6.46
C ASP E 68 40.19 24.27 5.71
N ASN E 69 40.16 24.03 4.40
CA ASN E 69 41.31 24.20 3.50
C ASN E 69 42.55 23.35 3.83
N ALA E 70 42.41 22.34 4.70
CA ALA E 70 43.51 21.44 5.01
C ALA E 70 43.78 20.58 3.78
N VAL E 71 45.04 20.18 3.57
CA VAL E 71 45.40 19.32 2.45
C VAL E 71 46.06 18.06 2.99
N ILE E 72 45.59 16.91 2.50
CA ILE E 72 46.17 15.62 2.86
C ILE E 72 46.48 14.91 1.55
N HIS E 73 47.75 14.53 1.39
CA HIS E 73 48.25 13.95 0.15
C HIS E 73 49.42 13.02 0.44
N PRO E 74 49.44 11.82 -0.18
CA PRO E 74 50.63 10.98 -0.04
C PRO E 74 51.87 11.61 -0.68
N ALA E 75 53.04 11.18 -0.22
CA ALA E 75 54.32 11.71 -0.70
C ALA E 75 54.82 10.92 -1.88
N ASP E 76 55.41 11.63 -2.85
CA ASP E 76 56.26 11.03 -3.88
C ASP E 76 57.68 11.40 -3.52
N VAL E 77 58.46 10.40 -3.06
CA VAL E 77 59.86 10.57 -2.68
C VAL E 77 60.76 10.10 -3.81
N TYR E 78 61.76 10.91 -4.16
CA TYR E 78 62.62 10.63 -5.32
C TYR E 78 64.00 10.15 -4.88
N HIS E 79 64.11 8.84 -4.73
CA HIS E 79 65.37 8.17 -4.38
C HIS E 79 66.27 8.15 -5.62
N GLU E 80 67.49 7.67 -5.45
CA GLU E 80 68.49 7.68 -6.53
C GLU E 80 67.99 7.06 -7.83
N GLU E 81 67.39 5.87 -7.72
CA GLU E 81 66.88 5.15 -8.89
C GLU E 81 65.33 5.04 -8.90
N GLU E 82 64.73 4.69 -7.76
CA GLU E 82 63.28 4.48 -7.67
C GLU E 82 62.50 5.71 -7.18
N ILE E 83 61.18 5.67 -7.40
CA ILE E 83 60.23 6.60 -6.77
C ILE E 83 59.44 5.82 -5.72
N GLU E 84 59.45 6.29 -4.49
CA GLU E 84 58.66 5.70 -3.40
C GLU E 84 57.42 6.53 -3.19
N TYR E 85 56.29 5.88 -2.96
CA TYR E 85 55.03 6.53 -2.63
C TYR E 85 54.70 6.17 -1.19
N VAL E 86 54.43 7.19 -0.37
CA VAL E 86 54.24 7.01 1.07
C VAL E 86 52.81 7.39 1.47
N PRO E 87 52.03 6.43 2.02
CA PRO E 87 50.66 6.75 2.42
C PRO E 87 50.56 7.66 3.64
N VAL E 88 49.36 8.20 3.87
CA VAL E 88 49.04 8.95 5.08
C VAL E 88 48.23 8.05 6.02
N LYS E 89 48.62 8.01 7.29
CA LYS E 89 47.83 7.38 8.34
C LYS E 89 47.54 8.43 9.40
N ILE E 90 46.26 8.67 9.67
CA ILE E 90 45.83 9.57 10.73
C ILE E 90 44.92 8.77 11.67
N GLY E 91 45.19 8.81 12.96
CA GLY E 91 44.45 8.00 13.94
C GLY E 91 43.18 8.66 14.45
N ASP E 92 42.88 8.40 15.73
CA ASP E 92 41.61 8.80 16.33
C ASP E 92 41.73 10.05 17.19
N ASN E 93 40.63 10.79 17.32
CA ASN E 93 40.52 11.95 18.22
C ASN E 93 41.51 13.08 17.92
N ASN E 94 41.85 13.24 16.63
CA ASN E 94 42.82 14.22 16.18
C ASN E 94 42.14 15.48 15.65
N ILE E 95 42.79 16.62 15.89
CA ILE E 95 42.43 17.88 15.25
C ILE E 95 43.50 18.17 14.19
N ILE E 96 43.11 18.17 12.93
CA ILE E 96 43.96 18.65 11.86
C ILE E 96 43.46 20.06 11.57
N GLY E 97 44.25 21.06 11.97
CA GLY E 97 43.81 22.44 12.00
C GLY E 97 43.53 23.08 10.66
N HIS E 98 42.89 24.25 10.70
CA HIS E 98 42.56 25.00 9.49
C HIS E 98 43.83 25.15 8.65
N ARG E 99 43.79 24.75 7.39
CA ARG E 99 44.87 24.98 6.43
C ARG E 99 46.16 24.19 6.71
N ALA E 100 46.08 23.12 7.49
CA ALA E 100 47.24 22.27 7.76
C ALA E 100 47.52 21.38 6.55
N LEU E 101 48.79 20.99 6.38
CA LEU E 101 49.20 20.04 5.34
C LEU E 101 49.76 18.78 6.01
N ILE E 102 49.15 17.64 5.71
CA ILE E 102 49.69 16.34 6.13
C ILE E 102 50.17 15.66 4.84
N HIS E 103 51.49 15.51 4.70
CA HIS E 103 52.06 15.03 3.44
C HIS E 103 52.87 13.76 3.63
N GLY E 104 52.27 12.62 3.26
CA GLY E 104 52.92 11.31 3.42
C GLY E 104 53.36 11.02 4.84
N ALA E 105 52.57 11.49 5.80
CA ALA E 105 52.96 11.50 7.22
C ALA E 105 52.02 10.65 8.05
N LYS E 106 52.45 10.39 9.27
CA LYS E 106 51.68 9.60 10.22
C LYS E 106 51.29 10.48 11.41
N ILE E 107 49.98 10.54 11.70
CA ILE E 107 49.47 11.17 12.92
C ILE E 107 48.87 10.05 13.75
N ASN E 108 49.28 9.91 15.00
CA ASN E 108 48.77 8.84 15.87
C ASN E 108 47.40 9.26 16.46
N ASP E 109 47.20 9.21 17.77
CA ASP E 109 45.88 9.51 18.36
C ASP E 109 45.93 10.77 19.23
N GLU E 110 44.76 11.31 19.55
CA GLU E 110 44.63 12.43 20.49
C GLU E 110 45.76 13.45 20.35
N SER E 111 45.86 14.05 19.17
CA SER E 111 46.87 15.06 18.90
C SER E 111 46.29 16.23 18.11
N ILE E 112 46.98 17.37 18.17
CA ILE E 112 46.57 18.57 17.47
C ILE E 112 47.65 18.96 16.49
N VAL E 113 47.28 19.02 15.20
CA VAL E 113 48.12 19.61 14.17
C VAL E 113 47.58 21.01 13.98
N GLY E 114 48.36 22.00 14.42
CA GLY E 114 47.90 23.38 14.45
C GLY E 114 47.67 23.97 13.08
N ALA E 115 46.91 25.06 13.06
CA ALA E 115 46.48 25.70 11.83
C ALA E 115 47.67 26.19 11.01
N GLY E 116 47.62 25.92 9.71
CA GLY E 116 48.67 26.35 8.79
C GLY E 116 50.01 25.62 8.89
N SER E 117 50.07 24.56 9.70
CA SER E 117 51.33 23.84 9.88
C SER E 117 51.50 22.79 8.79
N ILE E 118 52.73 22.31 8.63
CA ILE E 118 53.05 21.26 7.67
C ILE E 118 53.64 20.08 8.44
N VAL E 119 53.13 18.89 8.17
CA VAL E 119 53.76 17.64 8.61
C VAL E 119 54.15 16.87 7.36
N PHE E 120 55.44 16.88 7.04
CA PHE E 120 55.93 16.42 5.74
C PHE E 120 56.35 14.95 5.75
N ASN E 121 57.09 14.52 4.72
CA ASN E 121 57.18 13.13 4.31
C ASN E 121 57.81 12.27 5.37
N LYS E 122 57.09 11.21 5.75
CA LYS E 122 57.53 10.24 6.76
C LYS E 122 57.72 10.82 8.16
N ALA E 123 57.20 12.01 8.41
CA ALA E 123 57.16 12.57 9.76
C ALA E 123 56.10 11.83 10.56
N GLU E 124 56.25 11.85 11.87
CA GLU E 124 55.32 11.17 12.78
C GLU E 124 54.94 12.08 13.93
N VAL E 125 53.66 12.40 14.03
CA VAL E 125 53.13 13.13 15.16
C VAL E 125 52.60 12.08 16.14
N LYS E 126 53.28 11.93 17.27
CA LYS E 126 52.94 10.89 18.25
C LYS E 126 51.70 11.32 19.04
N THR E 127 51.17 10.38 19.83
CA THR E 127 49.94 10.60 20.61
C THR E 127 50.14 11.63 21.72
N ASN E 128 49.10 12.43 21.95
CA ASN E 128 49.09 13.49 22.98
C ASN E 128 50.23 14.50 22.75
N SER E 129 50.45 14.84 21.48
CA SER E 129 51.43 15.85 21.11
C SER E 129 50.73 16.95 20.34
N MET E 130 51.48 17.97 19.95
CA MET E 130 50.90 19.18 19.40
C MET E 130 51.86 19.85 18.41
N VAL E 131 51.42 20.05 17.18
CA VAL E 131 52.20 20.82 16.21
C VAL E 131 51.69 22.25 16.26
N GLY E 132 52.58 23.19 16.57
CA GLY E 132 52.21 24.59 16.71
C GLY E 132 51.79 25.21 15.39
N MET E 133 51.06 26.31 15.49
CA MET E 133 50.52 27.00 14.31
C MET E 133 51.66 27.49 13.42
N GLY E 134 51.56 27.18 12.13
CA GLY E 134 52.56 27.58 11.15
C GLY E 134 53.91 26.90 11.25
N ALA E 135 54.00 25.84 12.06
CA ALA E 135 55.25 25.10 12.22
C ALA E 135 55.41 24.17 11.04
N VAL E 136 56.65 23.80 10.75
CA VAL E 136 56.96 22.91 9.65
C VAL E 136 57.73 21.74 10.24
N VAL E 137 57.05 20.60 10.38
CA VAL E 137 57.67 19.35 10.82
C VAL E 137 58.31 18.74 9.58
N LEU E 138 59.63 18.62 9.59
CA LEU E 138 60.40 18.21 8.40
C LEU E 138 60.32 16.71 8.14
N GLU E 139 60.88 16.30 7.01
CA GLU E 139 60.96 14.90 6.61
C GLU E 139 61.53 14.03 7.72
N LYS E 140 60.89 12.89 7.96
CA LYS E 140 61.32 11.90 8.95
C LYS E 140 61.38 12.40 10.42
N GLN E 141 60.86 13.59 10.68
CA GLN E 141 60.94 14.19 12.00
C GLN E 141 59.81 13.65 12.86
N GLU E 142 60.11 13.35 14.13
CA GLU E 142 59.12 12.88 15.09
C GLU E 142 58.76 13.98 16.07
N VAL E 143 57.46 14.25 16.22
CA VAL E 143 56.96 15.11 17.28
C VAL E 143 56.67 14.18 18.48
N PRO E 144 57.50 14.24 19.54
CA PRO E 144 57.39 13.22 20.59
C PRO E 144 56.11 13.31 21.43
N ASN E 145 55.76 12.20 22.08
CA ASN E 145 54.61 12.12 22.98
C ASN E 145 54.69 13.21 24.04
N GLY E 146 53.55 13.82 24.34
CA GLY E 146 53.46 14.79 25.43
C GLY E 146 54.12 16.14 25.19
N LYS E 147 54.50 16.43 23.96
CA LYS E 147 55.27 17.64 23.67
C LYS E 147 54.61 18.49 22.60
N ILE E 148 54.95 19.78 22.60
CA ILE E 148 54.51 20.73 21.59
C ILE E 148 55.75 21.23 20.85
N VAL E 149 55.68 21.24 19.52
CA VAL E 149 56.77 21.73 18.69
C VAL E 149 56.33 23.00 17.95
N VAL E 150 57.25 23.93 17.75
CA VAL E 150 56.95 25.20 17.09
C VAL E 150 58.07 25.61 16.13
N GLY E 151 57.74 26.52 15.21
CA GLY E 151 58.72 27.14 14.34
C GLY E 151 59.05 26.38 13.07
N ILE E 152 59.98 26.96 12.31
CA ILE E 152 60.41 26.46 11.01
C ILE E 152 61.95 26.40 11.00
N PRO E 153 62.56 25.22 11.09
CA PRO E 153 61.89 23.93 11.31
C PRO E 153 61.34 23.78 12.72
N ALA E 154 60.50 22.77 12.94
CA ALA E 154 59.83 22.56 14.22
C ALA E 154 60.81 22.08 15.29
N ARG E 155 60.81 22.77 16.43
CA ARG E 155 61.61 22.42 17.61
C ARG E 155 60.67 22.24 18.78
N VAL E 156 61.06 21.40 19.75
CA VAL E 156 60.28 21.23 20.97
C VAL E 156 60.30 22.52 21.80
N LEU E 157 59.13 22.98 22.21
CA LEU E 157 58.96 24.17 23.04
C LEU E 157 58.90 23.77 24.51
N ARG E 158 58.00 22.85 24.82
CA ARG E 158 57.78 22.39 26.19
C ARG E 158 56.93 21.12 26.21
N GLU E 159 56.84 20.51 27.39
CA GLU E 159 55.88 19.43 27.61
C GLU E 159 54.49 20.03 27.76
N LEU E 160 53.48 19.28 27.30
CA LEU E 160 52.09 19.63 27.54
C LEU E 160 51.72 19.20 28.95
N GLU E 161 50.96 20.06 29.64
CA GLU E 161 50.46 19.74 30.98
C GLU E 161 49.32 18.73 30.88
N GLU E 162 49.07 18.04 32.00
CA GLU E 162 48.00 17.04 32.10
C GLU E 162 46.65 17.59 31.60
N ARG E 163 46.30 18.79 32.05
CA ARG E 163 45.06 19.49 31.65
C ARG E 163 44.97 19.70 30.14
N GLU E 164 46.07 20.17 29.53
CA GLU E 164 46.10 20.45 28.09
C GLU E 164 45.87 19.22 27.22
N ILE E 165 46.43 18.09 27.64
CA ILE E 165 46.24 16.81 26.95
C ILE E 165 44.77 16.37 27.02
N LYS E 166 44.14 16.49 28.19
CA LYS E 166 42.75 16.10 28.36
C LYS E 166 41.75 16.93 27.57
N GLN E 167 42.12 18.17 27.23
CA GLN E 167 41.26 19.04 26.40
C GLN E 167 41.26 18.64 24.92
N ILE E 168 42.25 17.85 24.49
CA ILE E 168 42.34 17.43 23.08
C ILE E 168 41.16 16.52 22.73
N LYS E 169 40.91 15.53 23.56
CA LYS E 169 39.76 14.63 23.42
C LYS E 169 38.44 15.40 23.48
N LYS E 170 38.35 16.33 24.44
CA LYS E 170 37.16 17.17 24.59
C LYS E 170 36.91 18.01 23.33
N GLN E 171 37.98 18.51 22.72
CA GLN E 171 37.87 19.27 21.46
C GLN E 171 37.38 18.38 20.31
N ALA E 172 37.98 17.21 20.17
CA ALA E 172 37.58 16.24 19.14
C ALA E 172 36.10 15.84 19.28
N ASP E 173 35.64 15.66 20.52
CA ASP E 173 34.22 15.37 20.78
C ASP E 173 33.32 16.54 20.39
N THR E 174 33.72 17.75 20.79
CA THR E 174 32.97 18.97 20.48
C THR E 174 32.78 19.15 18.98
N HIS E 175 33.84 18.88 18.21
CA HIS E 175 33.81 19.02 16.76
C HIS E 175 33.02 17.90 16.07
N ALA E 176 33.05 16.69 16.64
CA ALA E 176 32.23 15.58 16.14
C ALA E 176 30.74 15.83 16.40
N GLU E 177 30.44 16.37 17.57
CA GLU E 177 29.08 16.80 17.92
C GLU E 177 28.60 17.91 16.96
N LEU E 178 29.47 18.86 16.64
CA LEU E 178 29.17 19.91 15.66
C LEU E 178 28.82 19.31 14.29
N ALA E 179 29.64 18.37 13.83
CA ALA E 179 29.40 17.67 12.56
C ALA E 179 28.06 16.94 12.53
N GLU E 180 27.68 16.36 13.66
CA GLU E 180 26.39 15.67 13.79
C GLU E 180 25.22 16.63 13.52
N HIS E 181 25.33 17.87 13.99
CA HIS E 181 24.31 18.89 13.72
C HIS E 181 24.27 19.34 12.25
N TYR E 182 25.43 19.34 11.59
CA TYR E 182 25.48 19.53 10.14
C TYR E 182 24.79 18.38 9.37
N SER E 183 25.02 17.13 9.81
CA SER E 183 24.37 15.95 9.22
C SER E 183 22.85 16.01 9.21
N ARG E 184 22.27 16.56 10.29
CA ARG E 184 20.82 16.72 10.43
C ARG E 184 20.27 17.89 9.61
N GLU E 185 21.15 18.80 9.18
CA GLU E 185 20.74 19.97 8.40
C GLU E 185 20.34 19.51 6.99
N ILE E 186 21.30 18.94 6.24
CA ILE E 186 21.05 18.34 4.92
C ILE E 186 22.27 17.55 4.41
#